data_6UJB
#
_entry.id   6UJB
#
_cell.length_a   1.00
_cell.length_b   1.00
_cell.length_c   1.00
_cell.angle_alpha   90.00
_cell.angle_beta   90.00
_cell.angle_gamma   90.00
#
_symmetry.space_group_name_H-M   'P 1'
#
loop_
_entity.id
_entity.type
_entity.pdbx_description
1 polymer 'Integrin alpha-V'
2 polymer 'Integrin beta-8'
3 polymer 'C6D4 heavy chain Fab'
4 polymer 'C6D4 light chain Fab'
5 branched alpha-D-mannopyranose-(1-2)-alpha-D-mannopyranose-(1-3)-[alpha-D-mannopyranose-(1-6)]beta-D-mannopyranose-(1-4)-2-acetamido-2-deoxy-beta-D-glucopyranose-(1-4)-2-acetamido-2-deoxy-beta-D-glucopyranose
6 branched 2-acetamido-2-deoxy-beta-D-glucopyranose-(1-4)-2-acetamido-2-deoxy-beta-D-glucopyranose
7 non-polymer 'CALCIUM ION'
8 non-polymer 2-acetamido-2-deoxy-beta-D-glucopyranose
9 non-polymer 'MAGNESIUM ION'
#
loop_
_entity_poly.entity_id
_entity_poly.type
_entity_poly.pdbx_seq_one_letter_code
_entity_poly.pdbx_strand_id
1 'polypeptide(L)'
;FNLDVDSPAEYSGPEGSYFGFAVDFFVPSASSRMFLLVGAPKANTTQPGIVEGGQVLKCDWSSTRRCQPIEFDATGNRDY
AKDDPLEFKSHQWFGASVRSKQDKILACAPLYHWRTEMKQEREPVGTCFLQDGTKTVEYAPCRSQDIDADGQGFCQGGFS
IDFTKADRVLLGGPGSFYWQGQLISDQVAEIVSKYDPNVYSIKYNNQLATRTAQAIFDDSYLGYSVAVGDFNGDGIDDFV
SGVPRAARTLGMVYIYDGKNMSSLYNFTGEQMAAYFGFSVAATDINGDDYADVFIGAPLFMDRGSDGKLQEVGQVSVSLQ
RASGDFQTTKLNGFEVFARFGSAIAPLGDLDQDGFNDIAIAAPYGGEDKKGIVYIFNGRSTGLNAVPSQILEGQWAARSM
PPSFGYSMKGATDIDKNGYPDLIVGAFGVDRAILYRARPVITVNAGLEVYPSILNQDNKTCSLPGTALKVSCFNVRFCLK
ADGKGVLPRKLNFQVELLLDKLKQKGAIRRALFLYSRSPSHSKNMTISRGGLMQCEELIAYLRDESEFRDKLTPITIFME
YRLDYRTAADTTGLQPILNQFTPANISRQAHILLDCGEDNVCKPKLEVSVDSDQKKIYIGDDNPLTLIVKAQNQGEGAYE
AELIVSIPLQADFIGVVRNNEALARLSCAFKTENQTRQVVCDLGNPMKAGTQLLAGLRFSVHQQSEMDTSVKFDLQIQSS
NLFDKVSPVVSHKVDLAVLAAVEIRGVSSPDHVFLPIPNWEHKENPETEEDVGPVVQHIYELRNNGPSSFSKAMLHLQWP
YKYNNNTLLYILHYDIDGPMNCTSDMEINPLRIKISSLQTTEKNDTVAGQGERDHLITKRDLALSEGDIHTLGCGVAQCL
KIVCQVGRLDRGKSAILYVKSLLWTETFMNKENQNHSYSLKSSASFNVIEFPYKNLPIEDITNSTLVTTNVTWGIQPAPM
PVPVWVIILAVLAGLLLLAVLVFVMYRMGFFKRVRPPQEEQEREQLQPHENGEGNSET
;
A
2 'polypeptide(L)'
;EDNRCASSNAASCARCLALGPECGWCVQEDFISGGSRSERCDIVSNLISKGCSVDSIEYPSVHVIIPTENEINTQVTPGE
VSIQLRPGAEANFMLKVHPLKKYPVDLYYLVDVSASMHNNIEKLNSVGNDLSRKMAFFSRDFRLGFGSYVDKTVSPYISI
HPERIHNQCSDYNLDCMPPHGYIHVLSLTENITEFEKAVHRQKISGNIDTPEGGFDAMLQAAVCESHIGWRKEAKRLLLV
MTDQTSHLALDSKLAGIVVPNDGNCHLKNNVYVKSTTMEHPSLGQLSEKLIDNNINVIFAVQGKQFHWYKDLLPLLPGTI
AGEIESKAANLNNLVVEAYQKLISEVKVQVENQVQGIYFNITAICPDGSRKPGMEGCRNVTSNDEVLFNVTVTMKKCDVT
GGKNYAIIKPIGFNETAKIHIHRNCSCQCEDNRGPKGKCVDETFLDSKCFQCDENKCHFDEDQFSSESCKSHKDQPVCSG
RGVCVCGKCSCHKIKLGKVYGKYCEKDDFSCPYHHGNLCAGHGECEAGRCQCFSGWEGDRCQCPSAAAQHCVNSKGQVCS
GRGTCVCGRCECTDPRSIGRFCEHCPTCYTACKENWNCMQCLHPHNLSQAILDQCKTSCALMEQQHYVDQTSECFSSPSY
LRIFFIIFIVTFLIGLLKVLIIRQVILQWNSNKIKSSSDYRVSASKKDKLILQSVCTRAVTYRREKPEEIKMDISKLNAH
ETFRCNF
;
B
3 'polypeptide(L)'
;QIQLVQSGPELKKPGETVKISCKASGYTFTDYSMHWVKQAPGKGLKWVARINTETGEPTFADDFRGRFAVSLETSASTAY
LQINNLKNEDTATYFCAIFYYGRDSWGQGTTLTVSSAKTTAPSVYPLAPVCGDTTGSSVTLGCLVKGYFPEPVTLTWNSG
SLSSGVHTFPAVLQSDLYTLSSSVTVTSSTWPSQSITCNVAHPASSTKVDKK
;
E
4 'polypeptide(L)'
;DIVMTQSPSSLAVSAGEKVTMSCKSSQSLLNSRTRKNYLAWYQQKPGQSPRLLIYWASTRESGVPDRFTGSGSGTDFTLT
ISSVQAEDLAVYYCKQSYNLLSFGAGTKLELKAADAAPTVSIFPPSSEQLTSGGASVVCFLNNFYPKDINVKWKIDGSER
QNGVLNSWTDQDSKDSTYSMSSTLTLTKDEYERHNSYTCEATHKTSTSPIVKSFNRNEC
;
F
#
# COMPACT_ATOMS: atom_id res chain seq x y z
N PHE A 1 -2.14 24.95 -18.55
CA PHE A 1 -0.96 25.72 -18.98
C PHE A 1 -0.83 27.10 -18.31
N ASN A 2 -1.91 27.57 -17.66
CA ASN A 2 -2.00 28.92 -17.11
C ASN A 2 -1.78 29.07 -15.61
N LEU A 3 -1.24 28.09 -14.90
CA LEU A 3 -1.01 28.36 -13.48
C LEU A 3 0.21 29.22 -13.27
N ASP A 4 0.10 30.13 -12.31
CA ASP A 4 1.19 30.99 -11.89
C ASP A 4 2.02 30.29 -10.85
N VAL A 5 3.23 29.93 -11.23
CA VAL A 5 4.11 29.18 -10.35
C VAL A 5 5.25 30.06 -9.89
N ASP A 6 5.17 31.35 -10.22
CA ASP A 6 6.20 32.30 -9.87
C ASP A 6 5.85 33.02 -8.56
N SER A 7 4.56 33.27 -8.35
CA SER A 7 4.10 33.97 -7.15
C SER A 7 2.93 33.28 -6.42
N PRO A 8 3.10 32.03 -5.96
CA PRO A 8 2.15 31.24 -5.22
C PRO A 8 2.02 31.72 -3.77
N ALA A 9 0.91 31.37 -3.11
CA ALA A 9 0.75 31.69 -1.70
C ALA A 9 1.17 30.51 -0.83
N GLU A 10 2.18 30.71 0.00
CA GLU A 10 2.71 29.64 0.82
C GLU A 10 2.30 29.73 2.28
N TYR A 11 1.83 28.61 2.82
CA TYR A 11 1.37 28.49 4.19
C TYR A 11 2.15 27.41 4.92
N SER A 12 2.30 27.54 6.23
CA SER A 12 2.98 26.51 7.00
C SER A 12 2.37 26.29 8.37
N GLY A 13 2.58 25.10 8.90
CA GLY A 13 2.09 24.76 10.23
C GLY A 13 3.22 24.31 11.14
N PRO A 14 2.89 23.78 12.32
CA PRO A 14 3.79 23.31 13.35
C PRO A 14 4.64 22.16 12.82
N GLU A 15 5.91 22.14 13.19
CA GLU A 15 6.79 21.07 12.73
C GLU A 15 6.34 19.71 13.22
N GLY A 16 6.26 18.76 12.30
CA GLY A 16 5.92 17.38 12.62
C GLY A 16 4.43 17.11 12.64
N SER A 17 3.62 18.13 12.39
CA SER A 17 2.18 17.96 12.42
C SER A 17 1.61 17.39 11.14
N TYR A 18 2.42 17.35 10.08
CA TYR A 18 1.99 16.95 8.75
C TYR A 18 0.97 17.95 8.24
N PHE A 19 1.26 19.21 8.49
CA PHE A 19 0.40 20.27 7.99
C PHE A 19 0.43 20.18 6.50
N GLY A 20 -0.75 20.17 5.89
CA GLY A 20 -0.83 20.05 4.45
C GLY A 20 -1.15 18.64 4.02
N PHE A 21 -1.34 17.75 4.99
CA PHE A 21 -1.68 16.36 4.71
C PHE A 21 -2.92 16.26 3.86
N ALA A 22 -3.91 17.08 4.18
CA ALA A 22 -5.15 17.10 3.44
C ALA A 22 -5.59 18.53 3.24
N VAL A 23 -6.06 18.86 2.05
CA VAL A 23 -6.49 20.22 1.78
C VAL A 23 -7.85 20.29 1.11
N ASP A 24 -8.53 21.42 1.31
CA ASP A 24 -9.79 21.76 0.66
C ASP A 24 -10.00 23.27 0.68
N PHE A 25 -11.09 23.75 0.10
CA PHE A 25 -11.42 25.16 0.17
C PHE A 25 -12.66 25.39 1.01
N PHE A 26 -12.70 26.51 1.72
CA PHE A 26 -13.86 26.89 2.51
C PHE A 26 -14.52 28.12 1.94
N VAL A 27 -15.74 27.96 1.46
CA VAL A 27 -16.44 29.05 0.83
C VAL A 27 -17.84 29.25 1.39
N PRO A 28 -18.00 30.06 2.44
CA PRO A 28 -19.25 30.38 3.06
C PRO A 28 -20.16 30.99 2.02
N SER A 29 -21.47 30.74 2.11
CA SER A 29 -22.37 31.23 1.07
C SER A 29 -22.39 32.74 0.93
N ALA A 30 -22.21 33.49 2.02
CA ALA A 30 -22.25 34.95 1.91
C ALA A 30 -21.34 35.66 2.91
N SER A 31 -20.06 35.29 2.94
CA SER A 31 -19.13 35.97 3.85
C SER A 31 -18.25 36.98 3.13
N SER A 32 -18.29 36.94 1.79
CA SER A 32 -17.54 37.79 0.85
C SER A 32 -16.05 37.41 0.74
N ARG A 33 -15.57 36.63 1.70
CA ARG A 33 -14.18 36.20 1.73
C ARG A 33 -14.10 34.68 1.86
N MET A 34 -13.00 34.12 1.38
CA MET A 34 -12.80 32.67 1.39
C MET A 34 -11.54 32.27 2.11
N PHE A 35 -11.56 31.06 2.64
CA PHE A 35 -10.45 30.51 3.40
C PHE A 35 -10.05 29.17 2.85
N LEU A 36 -8.83 28.75 3.14
CA LEU A 36 -8.37 27.45 2.74
C LEU A 36 -8.43 26.55 3.95
N LEU A 37 -8.74 25.28 3.75
CA LEU A 37 -8.74 24.35 4.88
C LEU A 37 -7.56 23.42 4.78
N VAL A 38 -6.68 23.51 5.75
CA VAL A 38 -5.50 22.67 5.71
C VAL A 38 -5.40 21.84 6.97
N GLY A 39 -5.38 20.53 6.80
CA GLY A 39 -5.32 19.62 7.92
C GLY A 39 -3.90 19.49 8.46
N ALA A 40 -3.79 19.05 9.70
CA ALA A 40 -2.53 18.78 10.37
C ALA A 40 -2.75 17.68 11.41
N PRO A 41 -2.86 16.42 10.97
CA PRO A 41 -3.27 15.24 11.71
C PRO A 41 -2.46 14.91 12.94
N LYS A 42 -1.22 15.38 13.02
CA LYS A 42 -0.39 15.08 14.17
C LYS A 42 -0.16 16.31 15.03
N ALA A 43 -0.94 17.36 14.80
CA ALA A 43 -0.75 18.60 15.55
C ALA A 43 -1.01 18.41 17.04
N ASN A 44 -0.22 19.12 17.85
CA ASN A 44 -0.39 19.15 19.31
C ASN A 44 -1.38 20.25 19.70
N THR A 45 -2.57 19.83 20.10
CA THR A 45 -3.71 20.68 20.44
C THR A 45 -3.67 21.05 21.92
N THR A 46 -4.56 21.92 22.34
CA THR A 46 -4.63 22.40 23.71
C THR A 46 -5.59 21.56 24.55
N GLN A 47 -6.08 20.48 23.98
CA GLN A 47 -7.03 19.62 24.65
C GLN A 47 -6.40 18.97 25.89
N PRO A 48 -7.15 18.87 26.99
CA PRO A 48 -6.72 18.40 28.29
C PRO A 48 -6.44 16.91 28.34
N GLY A 49 -5.23 16.53 27.95
CA GLY A 49 -4.82 15.13 28.01
C GLY A 49 -4.71 14.42 26.67
N ILE A 50 -4.74 15.17 25.58
CA ILE A 50 -4.62 14.54 24.27
C ILE A 50 -3.32 14.87 23.57
N VAL A 51 -2.57 13.84 23.20
CA VAL A 51 -1.28 13.97 22.52
C VAL A 51 -1.43 13.80 21.02
N GLU A 52 -0.90 14.75 20.25
CA GLU A 52 -0.97 14.68 18.79
C GLU A 52 -2.38 14.36 18.33
N GLY A 53 -3.36 15.04 18.89
CA GLY A 53 -4.75 14.81 18.56
C GLY A 53 -5.07 15.11 17.11
N GLY A 54 -4.41 16.12 16.55
CA GLY A 54 -4.66 16.54 15.19
C GLY A 54 -5.63 17.71 15.16
N GLN A 55 -5.51 18.55 14.15
CA GLN A 55 -6.41 19.68 14.01
C GLN A 55 -6.55 20.12 12.57
N VAL A 56 -7.59 20.91 12.32
CA VAL A 56 -7.81 21.50 11.02
C VAL A 56 -7.70 23.00 11.15
N LEU A 57 -6.94 23.62 10.26
CA LEU A 57 -6.76 25.05 10.36
C LEU A 57 -7.39 25.79 9.21
N LYS A 58 -7.99 26.92 9.55
CA LYS A 58 -8.60 27.81 8.58
C LYS A 58 -7.57 28.88 8.21
N CYS A 59 -7.15 28.90 6.95
CA CYS A 59 -6.09 29.78 6.46
C CYS A 59 -6.67 30.90 5.61
N ASP A 60 -6.24 32.15 5.84
CA ASP A 60 -6.68 33.30 5.05
C ASP A 60 -5.83 33.41 3.78
N TRP A 61 -6.03 34.46 3.00
CA TRP A 61 -5.33 34.59 1.73
C TRP A 61 -5.11 36.03 1.33
N SER A 62 -6.16 36.83 1.39
CA SER A 62 -5.98 38.23 1.05
C SER A 62 -5.15 38.84 2.17
N SER A 63 -4.46 39.93 1.89
CA SER A 63 -3.59 40.56 2.88
C SER A 63 -2.45 39.62 3.28
N THR A 64 -2.45 39.18 4.53
CA THR A 64 -1.40 38.31 5.03
C THR A 64 -1.73 36.85 4.79
N ARG A 65 -0.80 35.98 5.18
CA ARG A 65 -0.99 34.55 5.03
C ARG A 65 -0.81 33.84 6.37
N ARG A 66 -1.90 33.70 7.11
CA ARG A 66 -1.89 33.10 8.45
C ARG A 66 -3.00 32.07 8.62
N CYS A 67 -2.74 31.02 9.43
CA CYS A 67 -3.68 29.93 9.70
C CYS A 67 -4.02 29.87 11.19
N GLN A 68 -5.30 29.56 11.51
CA GLN A 68 -5.79 29.36 12.88
C GLN A 68 -6.71 28.14 12.96
N PRO A 69 -6.62 27.35 14.05
CA PRO A 69 -7.35 26.12 14.26
C PRO A 69 -8.84 26.33 14.43
N ILE A 70 -9.60 25.34 14.00
CA ILE A 70 -11.05 25.31 14.17
C ILE A 70 -11.38 24.43 15.36
N GLU A 71 -12.09 24.97 16.34
CA GLU A 71 -12.38 24.20 17.54
C GLU A 71 -13.58 23.27 17.37
N PHE A 72 -13.36 22.18 16.65
CA PHE A 72 -14.39 21.17 16.43
C PHE A 72 -14.62 20.40 17.71
N ASP A 73 -13.53 20.21 18.45
CA ASP A 73 -13.52 19.46 19.70
C ASP A 73 -12.56 20.12 20.67
N ALA A 74 -13.09 20.66 21.76
CA ALA A 74 -12.26 21.38 22.72
C ALA A 74 -12.22 20.67 24.06
N THR A 75 -12.51 19.38 24.09
CA THR A 75 -12.47 18.65 25.34
C THR A 75 -11.51 17.47 25.30
N GLY A 76 -11.46 16.72 26.39
CA GLY A 76 -10.56 15.58 26.51
C GLY A 76 -11.27 14.26 26.25
N ASN A 77 -10.83 13.23 26.95
CA ASN A 77 -11.41 11.89 26.80
C ASN A 77 -12.53 11.69 27.81
N ARG A 78 -13.76 11.54 27.32
CA ARG A 78 -14.90 11.33 28.22
C ARG A 78 -14.83 9.97 28.88
N ASP A 79 -15.20 9.91 30.15
CA ASP A 79 -15.25 8.65 30.88
C ASP A 79 -16.50 7.85 30.61
N TYR A 80 -16.37 6.54 30.72
CA TYR A 80 -17.49 5.61 30.66
C TYR A 80 -17.94 5.34 32.08
N ALA A 81 -16.96 5.19 32.95
CA ALA A 81 -17.16 4.93 34.37
C ALA A 81 -15.99 5.55 35.10
N LYS A 82 -16.11 5.74 36.41
CA LYS A 82 -15.00 6.35 37.13
C LYS A 82 -13.69 5.62 36.83
N ASP A 83 -12.68 6.40 36.46
CA ASP A 83 -11.34 5.91 36.14
C ASP A 83 -11.38 4.84 35.06
N ASP A 84 -12.28 5.00 34.10
CA ASP A 84 -12.44 4.06 33.00
C ASP A 84 -12.90 4.82 31.74
N PRO A 85 -11.96 5.23 30.88
CA PRO A 85 -12.18 6.12 29.75
C PRO A 85 -13.03 5.44 28.70
N LEU A 86 -13.89 6.21 28.05
CA LEU A 86 -14.71 5.68 26.98
C LEU A 86 -14.00 5.73 25.66
N GLU A 87 -13.22 6.77 25.47
CA GLU A 87 -12.66 7.10 24.18
C GLU A 87 -11.20 7.49 24.28
N PHE A 88 -10.46 7.27 23.21
CA PHE A 88 -9.05 7.59 23.17
C PHE A 88 -8.72 8.46 21.96
N LYS A 89 -8.51 9.74 22.22
CA LYS A 89 -8.27 10.69 21.14
C LYS A 89 -6.80 10.92 20.82
N SER A 90 -5.88 10.45 21.66
CA SER A 90 -4.48 10.65 21.37
C SER A 90 -4.15 9.92 20.08
N HIS A 91 -3.39 10.59 19.23
CA HIS A 91 -2.98 10.04 17.95
C HIS A 91 -4.18 9.61 17.09
N GLN A 92 -5.30 10.33 17.15
CA GLN A 92 -6.48 9.96 16.37
C GLN A 92 -6.40 10.42 14.91
N TRP A 93 -5.41 11.24 14.59
CA TRP A 93 -5.26 11.77 13.23
C TRP A 93 -6.43 12.63 12.79
N PHE A 94 -6.91 13.49 13.67
CA PHE A 94 -7.99 14.38 13.30
C PHE A 94 -7.47 15.39 12.31
N GLY A 95 -8.16 15.53 11.19
CA GLY A 95 -7.75 16.44 10.15
C GLY A 95 -7.13 15.68 8.99
N ALA A 96 -7.03 14.36 9.14
CA ALA A 96 -6.50 13.51 8.07
C ALA A 96 -7.35 13.59 6.82
N SER A 97 -8.64 13.77 7.00
CA SER A 97 -9.54 13.87 5.87
C SER A 97 -10.53 15.00 6.10
N VAL A 98 -10.45 16.01 5.23
CA VAL A 98 -11.28 17.20 5.36
C VAL A 98 -11.98 17.56 4.07
N ARG A 99 -13.27 17.81 4.13
CA ARG A 99 -14.06 18.27 2.99
C ARG A 99 -15.04 19.35 3.41
N SER A 100 -15.31 20.30 2.52
CA SER A 100 -16.30 21.32 2.84
C SER A 100 -17.25 21.69 1.69
N LYS A 101 -18.53 21.77 2.02
CA LYS A 101 -19.58 22.17 1.09
C LYS A 101 -20.19 23.49 1.53
N GLN A 102 -19.81 24.56 0.85
CA GLN A 102 -20.19 25.90 1.27
C GLN A 102 -19.76 26.15 2.71
N ASP A 103 -20.73 26.28 3.61
CA ASP A 103 -20.51 26.56 5.02
C ASP A 103 -20.21 25.31 5.84
N LYS A 104 -20.56 24.15 5.31
CA LYS A 104 -20.47 22.88 6.04
C LYS A 104 -19.09 22.27 5.97
N ILE A 105 -18.43 22.13 7.12
CA ILE A 105 -17.10 21.54 7.13
C ILE A 105 -17.11 20.20 7.83
N LEU A 106 -16.65 19.17 7.14
CA LEU A 106 -16.59 17.85 7.73
C LEU A 106 -15.13 17.40 7.86
N ALA A 107 -14.70 17.21 9.09
CA ALA A 107 -13.32 16.82 9.37
C ALA A 107 -13.30 15.53 10.17
N CYS A 108 -12.50 14.54 9.74
CA CYS A 108 -12.49 13.21 10.35
C CYS A 108 -11.17 12.86 11.02
N ALA A 109 -11.26 11.88 11.96
CA ALA A 109 -10.18 11.28 12.75
C ALA A 109 -10.21 9.75 12.65
N PRO A 110 -9.66 9.18 11.57
CA PRO A 110 -9.70 7.77 11.20
C PRO A 110 -9.05 6.83 12.20
N LEU A 111 -8.22 7.35 13.11
CA LEU A 111 -7.56 6.46 14.06
C LEU A 111 -8.13 6.61 15.47
N TYR A 112 -9.29 7.23 15.57
CA TYR A 112 -9.99 7.33 16.84
C TYR A 112 -10.38 5.97 17.38
N HIS A 113 -10.11 5.74 18.66
CA HIS A 113 -10.45 4.47 19.29
C HIS A 113 -11.44 4.63 20.41
N TRP A 114 -12.21 3.58 20.70
CA TRP A 114 -13.08 3.62 21.87
C TRP A 114 -13.26 2.22 22.44
N ARG A 115 -13.76 2.15 23.66
CA ARG A 115 -13.87 0.85 24.30
C ARG A 115 -15.11 0.03 24.06
N THR A 116 -16.19 0.65 23.61
CA THR A 116 -17.52 0.06 23.48
C THR A 116 -18.03 -0.18 24.90
N GLU A 117 -19.34 -0.37 25.05
CA GLU A 117 -19.88 -0.58 26.38
C GLU A 117 -19.76 -2.02 26.87
N MET A 118 -19.77 -2.96 25.94
CA MET A 118 -19.81 -4.38 26.27
C MET A 118 -18.60 -4.88 27.06
N LYS A 119 -17.41 -4.48 26.64
CA LYS A 119 -16.17 -4.93 27.27
C LYS A 119 -15.12 -3.84 27.19
N GLN A 120 -14.12 -3.89 28.05
CA GLN A 120 -13.11 -2.82 28.02
C GLN A 120 -12.04 -3.10 26.99
N GLU A 121 -12.28 -2.68 25.75
CA GLU A 121 -11.39 -2.92 24.61
C GLU A 121 -10.87 -1.58 24.04
N ARG A 122 -10.04 -1.62 23.01
CA ARG A 122 -9.64 -0.38 22.31
C ARG A 122 -9.75 -0.53 20.80
N GLU A 123 -10.93 -0.27 20.22
CA GLU A 123 -11.13 -0.50 18.80
C GLU A 123 -11.09 0.78 17.97
N PRO A 124 -10.40 0.79 16.81
CA PRO A 124 -10.23 1.90 15.89
C PRO A 124 -11.45 2.14 15.04
N VAL A 125 -12.50 2.60 15.68
CA VAL A 125 -13.78 2.76 15.02
C VAL A 125 -13.82 3.97 14.09
N GLY A 126 -13.18 5.06 14.47
CA GLY A 126 -13.15 6.29 13.66
C GLY A 126 -14.37 7.19 13.90
N THR A 127 -14.14 8.50 14.02
CA THR A 127 -15.23 9.49 14.12
C THR A 127 -14.98 10.72 13.25
N CYS A 128 -16.05 11.49 12.97
CA CYS A 128 -15.99 12.76 12.25
C CYS A 128 -16.73 13.88 13.00
N PHE A 129 -16.30 15.12 12.79
CA PHE A 129 -16.95 16.33 13.32
C PHE A 129 -17.50 17.20 12.21
N LEU A 130 -18.80 17.41 12.25
CA LEU A 130 -19.49 18.19 11.23
C LEU A 130 -19.89 19.55 11.77
N GLN A 131 -19.38 20.60 11.16
CA GLN A 131 -19.65 21.94 11.61
C GLN A 131 -20.39 22.77 10.59
N ASP A 132 -21.47 23.41 11.03
CA ASP A 132 -22.24 24.32 10.19
C ASP A 132 -22.86 25.38 11.06
N GLY A 133 -23.12 26.55 10.48
CA GLY A 133 -23.69 27.60 11.28
C GLY A 133 -22.76 27.85 12.46
N THR A 134 -23.31 27.77 13.67
CA THR A 134 -22.53 27.90 14.89
C THR A 134 -22.59 26.62 15.72
N LYS A 135 -23.05 25.54 15.11
CA LYS A 135 -23.22 24.27 15.80
C LYS A 135 -22.29 23.19 15.27
N THR A 136 -21.71 22.42 16.17
CA THR A 136 -20.86 21.32 15.76
C THR A 136 -21.38 20.04 16.38
N VAL A 137 -21.48 18.99 15.57
CA VAL A 137 -21.94 17.72 16.06
C VAL A 137 -20.94 16.62 15.73
N GLU A 138 -20.97 15.56 16.52
CA GLU A 138 -20.12 14.43 16.26
C GLU A 138 -20.88 13.37 15.49
N TYR A 139 -20.30 12.97 14.37
CA TYR A 139 -20.87 11.94 13.52
C TYR A 139 -20.01 10.70 13.63
N ALA A 140 -20.60 9.63 14.13
CA ALA A 140 -19.82 8.43 14.36
C ALA A 140 -20.60 7.20 13.90
N PRO A 141 -20.77 7.02 12.59
CA PRO A 141 -21.64 6.03 12.00
C PRO A 141 -21.27 4.57 12.30
N CYS A 142 -20.00 4.31 12.65
CA CYS A 142 -19.51 2.97 12.99
C CYS A 142 -19.39 2.75 14.50
N ARG A 143 -19.68 3.77 15.34
CA ARG A 143 -19.59 3.64 16.79
C ARG A 143 -20.90 3.07 17.30
N SER A 144 -21.11 1.81 16.98
CA SER A 144 -22.37 1.12 17.17
C SER A 144 -22.22 -0.09 18.05
N GLN A 145 -23.29 -0.85 18.20
CA GLN A 145 -23.28 -2.05 19.01
C GLN A 145 -22.85 -3.26 18.18
N ASP A 146 -22.61 -3.02 16.89
CA ASP A 146 -22.11 -4.05 16.00
C ASP A 146 -20.60 -3.94 16.04
N ILE A 147 -19.96 -4.62 16.98
CA ILE A 147 -18.56 -4.34 17.28
C ILE A 147 -17.62 -5.48 16.94
N ASP A 148 -16.32 -5.21 17.07
CA ASP A 148 -15.27 -6.18 16.79
C ASP A 148 -15.11 -6.43 15.28
N ALA A 149 -14.23 -7.37 14.93
CA ALA A 149 -13.84 -7.63 13.55
C ALA A 149 -15.01 -8.01 12.66
N ASP A 150 -16.00 -8.72 13.18
CA ASP A 150 -17.11 -9.14 12.33
C ASP A 150 -18.13 -8.03 12.19
N GLY A 151 -17.96 -6.97 12.96
CA GLY A 151 -18.84 -5.83 12.98
C GLY A 151 -18.11 -4.61 12.42
N GLN A 152 -18.36 -3.46 13.01
CA GLN A 152 -17.81 -2.20 12.57
C GLN A 152 -16.68 -1.74 13.49
N GLY A 153 -16.23 -2.64 14.37
CA GLY A 153 -15.25 -2.28 15.38
C GLY A 153 -13.97 -1.72 14.80
N PHE A 154 -13.56 -2.26 13.67
CA PHE A 154 -12.35 -1.81 13.00
C PHE A 154 -12.61 -0.96 11.76
N CYS A 155 -13.81 -0.38 11.67
CA CYS A 155 -14.28 0.45 10.55
C CYS A 155 -13.30 1.54 10.11
N GLN A 156 -12.73 2.31 11.07
CA GLN A 156 -11.95 3.52 10.79
C GLN A 156 -12.76 4.47 9.93
N GLY A 157 -13.99 4.71 10.37
CA GLY A 157 -14.88 5.55 9.63
C GLY A 157 -14.28 6.92 9.55
N GLY A 158 -14.48 7.55 8.42
CA GLY A 158 -13.94 8.88 8.21
C GLY A 158 -12.61 8.80 7.49
N PHE A 159 -12.14 7.60 7.23
CA PHE A 159 -10.89 7.42 6.51
C PHE A 159 -10.94 8.24 5.23
N SER A 160 -12.06 8.16 4.52
CA SER A 160 -12.22 9.00 3.33
C SER A 160 -13.65 9.48 3.18
N ILE A 161 -13.82 10.77 2.93
CA ILE A 161 -15.14 11.37 2.82
C ILE A 161 -15.33 12.24 1.59
N ASP A 162 -16.59 12.48 1.25
CA ASP A 162 -16.97 13.45 0.24
C ASP A 162 -18.36 13.99 0.54
N PHE A 163 -18.82 14.96 -0.26
CA PHE A 163 -20.17 15.46 -0.14
C PHE A 163 -20.98 15.22 -1.38
N THR A 164 -22.25 14.97 -1.16
CA THR A 164 -23.23 14.75 -2.21
C THR A 164 -23.99 16.05 -2.40
N LYS A 165 -24.23 16.47 -3.65
CA LYS A 165 -24.92 17.76 -3.90
C LYS A 165 -26.31 17.82 -3.28
N ALA A 166 -26.84 16.67 -2.91
CA ALA A 166 -28.15 16.51 -2.31
C ALA A 166 -28.12 16.75 -0.80
N ASP A 167 -26.97 17.19 -0.30
CA ASP A 167 -26.73 17.45 1.12
C ASP A 167 -26.72 16.16 1.92
N ARG A 168 -25.89 15.25 1.45
CA ARG A 168 -25.62 13.99 2.12
C ARG A 168 -24.12 13.82 2.30
N VAL A 169 -23.75 13.10 3.33
CA VAL A 169 -22.36 12.81 3.60
C VAL A 169 -22.00 11.41 3.17
N LEU A 170 -20.97 11.29 2.32
CA LEU A 170 -20.51 9.98 1.90
C LEU A 170 -19.24 9.64 2.66
N LEU A 171 -19.28 8.56 3.40
CA LEU A 171 -18.15 8.18 4.22
C LEU A 171 -17.68 6.76 3.98
N GLY A 172 -16.38 6.61 3.75
CA GLY A 172 -15.77 5.31 3.61
C GLY A 172 -15.19 4.86 4.94
N GLY A 173 -15.38 3.58 5.22
CA GLY A 173 -14.89 2.91 6.43
C GLY A 173 -14.31 1.55 6.06
N PRO A 174 -13.08 1.51 5.55
CA PRO A 174 -12.43 0.41 4.88
C PRO A 174 -12.21 -0.80 5.77
N GLY A 175 -12.28 -0.64 7.08
CA GLY A 175 -12.02 -1.77 7.93
C GLY A 175 -13.24 -2.56 8.40
N SER A 176 -14.43 -2.15 7.98
CA SER A 176 -15.63 -2.83 8.47
C SER A 176 -15.69 -4.27 8.00
N PHE A 177 -16.22 -5.13 8.85
CA PHE A 177 -16.55 -6.50 8.48
C PHE A 177 -15.33 -7.24 7.95
N TYR A 178 -14.37 -7.50 8.82
CA TYR A 178 -13.14 -8.17 8.41
C TYR A 178 -12.46 -7.47 7.25
N TRP A 179 -12.43 -6.15 7.30
CA TRP A 179 -11.78 -5.37 6.27
C TRP A 179 -12.35 -5.63 4.88
N GLN A 180 -13.63 -5.98 4.81
CA GLN A 180 -14.30 -6.04 3.53
C GLN A 180 -14.50 -4.61 3.09
N GLY A 181 -14.79 -3.77 4.08
CA GLY A 181 -14.99 -2.35 3.90
C GLY A 181 -16.45 -2.00 3.75
N GLN A 182 -16.80 -0.81 4.19
CA GLN A 182 -18.18 -0.37 4.12
C GLN A 182 -18.33 1.09 3.71
N LEU A 183 -19.34 1.35 2.89
CA LEU A 183 -19.72 2.73 2.63
C LEU A 183 -20.94 3.07 3.43
N ILE A 184 -20.92 4.23 4.04
CA ILE A 184 -22.06 4.73 4.79
C ILE A 184 -22.41 6.10 4.25
N SER A 185 -23.68 6.32 4.01
CA SER A 185 -24.14 7.59 3.47
C SER A 185 -25.36 8.07 4.21
N ASP A 186 -25.33 9.31 4.67
CA ASP A 186 -26.48 9.79 5.42
C ASP A 186 -26.77 11.25 5.11
N GLN A 187 -27.81 11.79 5.71
CA GLN A 187 -28.20 13.17 5.43
C GLN A 187 -27.57 14.13 6.39
N VAL A 188 -27.25 15.32 5.91
CA VAL A 188 -26.71 16.32 6.80
C VAL A 188 -27.71 16.68 7.87
N ALA A 189 -28.97 16.84 7.48
CA ALA A 189 -30.00 17.21 8.43
C ALA A 189 -30.13 16.19 9.54
N GLU A 190 -30.02 14.90 9.21
CA GLU A 190 -30.13 13.85 10.22
C GLU A 190 -28.94 13.87 11.15
N ILE A 191 -27.76 14.08 10.58
CA ILE A 191 -26.55 14.08 11.39
C ILE A 191 -26.59 15.22 12.41
N VAL A 192 -27.01 16.40 11.96
CA VAL A 192 -27.07 17.56 12.84
C VAL A 192 -28.22 17.48 13.84
N SER A 193 -29.41 17.09 13.39
CA SER A 193 -30.58 17.03 14.25
C SER A 193 -30.49 15.92 15.29
N LYS A 194 -30.16 14.70 14.87
CA LYS A 194 -30.12 13.58 15.80
C LYS A 194 -28.77 13.52 16.49
N TYR A 195 -28.53 14.47 17.36
CA TYR A 195 -27.28 14.51 18.09
C TYR A 195 -27.50 14.73 19.57
N ASP A 196 -26.87 13.91 20.37
CA ASP A 196 -26.93 14.00 21.82
C ASP A 196 -25.60 13.53 22.39
N PRO A 197 -24.84 14.39 23.08
CA PRO A 197 -23.51 14.13 23.59
C PRO A 197 -23.49 13.03 24.64
N ASN A 198 -24.65 12.65 25.14
CA ASN A 198 -24.74 11.62 26.17
C ASN A 198 -25.05 10.26 25.55
N VAL A 199 -25.13 10.22 24.23
CA VAL A 199 -25.42 8.99 23.50
C VAL A 199 -24.24 8.65 22.62
N TYR A 200 -23.75 7.44 22.74
CA TYR A 200 -22.55 7.09 22.00
C TYR A 200 -22.90 6.48 20.66
N SER A 201 -23.95 5.67 20.64
CA SER A 201 -24.41 5.04 19.42
C SER A 201 -25.71 5.66 18.96
N ILE A 202 -25.68 6.33 17.82
CA ILE A 202 -26.85 7.04 17.33
C ILE A 202 -27.34 6.49 16.02
N LYS A 203 -28.63 6.16 15.98
CA LYS A 203 -29.24 5.68 14.75
C LYS A 203 -29.81 6.83 13.95
N TYR A 204 -29.77 6.71 12.64
CA TYR A 204 -30.35 7.72 11.76
C TYR A 204 -31.39 7.04 10.88
N ASN A 205 -32.42 7.78 10.45
CA ASN A 205 -33.52 7.14 9.73
C ASN A 205 -33.36 7.06 8.22
N ASN A 206 -32.61 7.98 7.63
CA ASN A 206 -32.48 8.04 6.18
C ASN A 206 -31.09 7.59 5.73
N GLN A 207 -30.46 6.78 6.57
CA GLN A 207 -29.13 6.26 6.33
C GLN A 207 -29.12 5.11 5.35
N LEU A 208 -28.15 5.14 4.47
CA LEU A 208 -27.87 4.06 3.52
C LEU A 208 -26.51 3.48 3.84
N ALA A 209 -26.33 2.21 3.59
CA ALA A 209 -25.00 1.65 3.79
C ALA A 209 -24.87 0.33 3.08
N THR A 210 -23.63 -0.04 2.79
CA THR A 210 -23.37 -1.37 2.28
C THR A 210 -23.42 -2.33 3.45
N ARG A 211 -23.49 -3.62 3.15
CA ARG A 211 -23.61 -4.65 4.17
C ARG A 211 -22.43 -5.61 4.13
N THR A 212 -22.50 -6.66 4.93
CA THR A 212 -21.46 -7.67 4.96
C THR A 212 -21.58 -8.58 3.77
N ALA A 213 -20.53 -9.34 3.51
CA ALA A 213 -20.52 -10.32 2.44
C ALA A 213 -19.70 -11.52 2.85
N GLN A 214 -19.54 -12.46 1.92
CA GLN A 214 -18.80 -13.70 2.15
C GLN A 214 -17.34 -13.43 2.43
N ALA A 215 -16.68 -14.37 3.09
CA ALA A 215 -15.28 -14.24 3.47
C ALA A 215 -14.38 -14.05 2.25
N ILE A 216 -14.85 -14.44 1.08
CA ILE A 216 -14.09 -14.29 -0.15
C ILE A 216 -13.77 -12.83 -0.43
N PHE A 217 -14.52 -11.91 0.20
CA PHE A 217 -14.31 -10.49 0.01
C PHE A 217 -13.53 -9.85 1.15
N ASP A 218 -13.01 -10.66 2.07
CA ASP A 218 -12.26 -10.12 3.20
C ASP A 218 -11.02 -9.42 2.71
N ASP A 219 -10.55 -8.44 3.48
CA ASP A 219 -9.34 -7.70 3.15
C ASP A 219 -9.41 -7.03 1.77
N SER A 220 -10.52 -6.38 1.46
CA SER A 220 -10.64 -5.67 0.19
C SER A 220 -10.52 -4.15 0.40
N TYR A 221 -10.83 -3.71 1.61
CA TYR A 221 -10.83 -2.31 2.02
C TYR A 221 -11.78 -1.44 1.22
N LEU A 222 -13.01 -1.89 1.02
CA LEU A 222 -13.94 -1.06 0.29
C LEU A 222 -14.23 0.22 1.03
N GLY A 223 -14.16 1.33 0.31
CA GLY A 223 -14.36 2.61 0.94
C GLY A 223 -13.02 3.21 1.35
N TYR A 224 -11.96 2.78 0.67
CA TYR A 224 -10.63 3.28 0.92
C TYR A 224 -10.58 4.74 0.50
N SER A 225 -11.21 5.03 -0.63
CA SER A 225 -11.29 6.37 -1.18
C SER A 225 -12.60 6.55 -1.93
N VAL A 226 -13.24 7.71 -1.78
CA VAL A 226 -14.54 7.92 -2.42
C VAL A 226 -14.63 9.20 -3.25
N ALA A 227 -15.62 9.22 -4.14
CA ALA A 227 -15.95 10.36 -5.00
C ALA A 227 -17.41 10.28 -5.39
N VAL A 228 -17.99 11.37 -5.89
CA VAL A 228 -19.38 11.31 -6.31
C VAL A 228 -19.61 11.85 -7.72
N GLY A 229 -20.74 11.45 -8.31
CA GLY A 229 -21.16 11.95 -9.62
C GLY A 229 -22.33 11.14 -10.15
N ASP A 230 -23.03 11.66 -11.15
CA ASP A 230 -24.20 10.96 -11.70
C ASP A 230 -23.84 9.96 -12.79
N PHE A 231 -24.02 8.68 -12.50
CA PHE A 231 -23.67 7.62 -13.42
C PHE A 231 -24.86 6.81 -13.94
N ASN A 232 -26.08 7.32 -13.74
CA ASN A 232 -27.24 6.61 -14.25
C ASN A 232 -28.34 7.54 -14.79
N GLY A 233 -28.11 8.85 -14.76
CA GLY A 233 -29.04 9.82 -15.33
C GLY A 233 -30.28 10.07 -14.46
N ASP A 234 -30.16 9.88 -13.15
CA ASP A 234 -31.30 10.06 -12.28
C ASP A 234 -31.34 11.42 -11.57
N GLY A 235 -30.31 12.24 -11.76
CA GLY A 235 -30.28 13.55 -11.13
C GLY A 235 -29.75 13.48 -9.69
N ILE A 236 -29.40 12.28 -9.27
CA ILE A 236 -28.91 12.05 -7.92
C ILE A 236 -27.47 11.58 -8.00
N ASP A 237 -26.59 12.30 -7.34
CA ASP A 237 -25.18 11.91 -7.35
C ASP A 237 -25.06 10.50 -6.82
N ASP A 238 -24.27 9.68 -7.51
CA ASP A 238 -24.07 8.31 -7.09
C ASP A 238 -22.74 8.21 -6.37
N PHE A 239 -22.40 7.02 -5.87
CA PHE A 239 -21.22 6.89 -5.05
C PHE A 239 -20.12 6.05 -5.67
N VAL A 240 -18.97 6.67 -5.89
CA VAL A 240 -17.82 6.00 -6.49
C VAL A 240 -16.86 5.61 -5.37
N SER A 241 -16.47 4.36 -5.32
CA SER A 241 -15.60 3.93 -4.22
C SER A 241 -14.50 3.00 -4.63
N GLY A 242 -13.28 3.34 -4.22
CA GLY A 242 -12.13 2.51 -4.47
C GLY A 242 -12.09 1.34 -3.50
N VAL A 243 -11.69 0.19 -4.01
CA VAL A 243 -11.53 -1.00 -3.22
C VAL A 243 -10.22 -1.70 -3.59
N PRO A 244 -9.08 -1.15 -3.20
CA PRO A 244 -7.76 -1.41 -3.74
C PRO A 244 -7.25 -2.83 -3.60
N ARG A 245 -7.79 -3.62 -2.68
CA ARG A 245 -7.22 -4.95 -2.50
C ARG A 245 -8.19 -6.04 -3.00
N ALA A 246 -9.26 -5.62 -3.68
CA ALA A 246 -10.30 -6.51 -4.19
C ALA A 246 -9.84 -7.37 -5.34
N ALA A 247 -10.59 -8.45 -5.57
CA ALA A 247 -10.36 -9.32 -6.71
C ALA A 247 -8.94 -9.83 -6.75
N ARG A 248 -8.48 -10.38 -5.64
CA ARG A 248 -7.12 -10.90 -5.56
C ARG A 248 -6.12 -9.81 -5.84
N THR A 249 -6.18 -8.76 -5.04
CA THR A 249 -5.33 -7.60 -5.17
C THR A 249 -5.11 -7.15 -6.60
N LEU A 250 -6.18 -7.11 -7.40
CA LEU A 250 -6.10 -6.40 -8.66
C LEU A 250 -6.58 -5.01 -8.42
N GLY A 251 -7.54 -4.91 -7.50
CA GLY A 251 -8.16 -3.66 -7.14
C GLY A 251 -9.42 -3.46 -7.96
N MET A 252 -10.40 -2.85 -7.34
CA MET A 252 -11.65 -2.55 -8.00
C MET A 252 -12.21 -1.20 -7.63
N VAL A 253 -13.05 -0.68 -8.50
CA VAL A 253 -13.83 0.51 -8.18
C VAL A 253 -15.30 0.21 -8.40
N TYR A 254 -16.08 0.49 -7.38
CA TYR A 254 -17.50 0.21 -7.40
C TYR A 254 -18.28 1.49 -7.54
N ILE A 255 -19.38 1.43 -8.26
CA ILE A 255 -20.28 2.56 -8.24
C ILE A 255 -21.62 2.11 -7.73
N TYR A 256 -22.07 2.73 -6.66
CA TYR A 256 -23.34 2.38 -6.04
C TYR A 256 -24.38 3.45 -6.29
N ASP A 257 -25.62 3.01 -6.42
CA ASP A 257 -26.74 3.90 -6.61
C ASP A 257 -26.87 4.86 -5.43
N GLY A 258 -26.93 6.15 -5.72
CA GLY A 258 -26.97 7.17 -4.68
C GLY A 258 -28.29 7.24 -3.92
N LYS A 259 -29.30 6.53 -4.40
CA LYS A 259 -30.61 6.55 -3.77
C LYS A 259 -30.86 5.33 -2.86
N ASN A 260 -30.49 4.12 -3.32
CA ASN A 260 -30.77 2.87 -2.58
C ASN A 260 -29.57 1.90 -2.46
N MET A 261 -28.35 2.31 -2.85
CA MET A 261 -27.12 1.51 -2.79
C MET A 261 -27.10 0.23 -3.62
N SER A 262 -28.03 0.06 -4.54
CA SER A 262 -27.89 -1.06 -5.46
C SER A 262 -26.64 -0.84 -6.28
N SER A 263 -25.86 -1.87 -6.53
CA SER A 263 -24.64 -1.68 -7.29
C SER A 263 -24.94 -1.40 -8.77
N LEU A 264 -24.24 -0.43 -9.35
CA LEU A 264 -24.45 -0.06 -10.75
C LEU A 264 -23.32 -0.52 -11.66
N TYR A 265 -22.08 -0.27 -11.25
CA TYR A 265 -20.92 -0.61 -12.09
C TYR A 265 -19.79 -1.22 -11.27
N ASN A 266 -18.93 -2.00 -11.96
CA ASN A 266 -17.73 -2.64 -11.39
C ASN A 266 -16.53 -2.52 -12.36
N PHE A 267 -15.51 -1.76 -11.96
CA PHE A 267 -14.26 -1.57 -12.72
C PHE A 267 -13.20 -2.44 -12.09
N THR A 268 -12.33 -3.04 -12.90
CA THR A 268 -11.26 -3.86 -12.34
C THR A 268 -9.90 -3.44 -12.83
N GLY A 269 -8.88 -3.70 -12.03
CA GLY A 269 -7.51 -3.46 -12.44
C GLY A 269 -6.99 -4.62 -13.27
N GLU A 270 -5.84 -4.43 -13.91
CA GLU A 270 -5.22 -5.47 -14.72
C GLU A 270 -4.05 -6.15 -14.04
N GLN A 271 -3.36 -5.42 -13.18
CA GLN A 271 -2.13 -5.92 -12.60
C GLN A 271 -2.21 -6.05 -11.10
N MET A 272 -1.75 -7.20 -10.61
CA MET A 272 -1.78 -7.43 -9.19
C MET A 272 -0.85 -6.48 -8.48
N ALA A 273 -1.30 -6.01 -7.34
CA ALA A 273 -0.57 -5.11 -6.45
C ALA A 273 -0.29 -3.75 -7.07
N ALA A 274 -1.01 -3.37 -8.13
CA ALA A 274 -0.89 -2.02 -8.68
C ALA A 274 -1.67 -1.07 -7.79
N TYR A 275 -2.48 -1.66 -6.93
CA TYR A 275 -3.33 -0.99 -5.98
C TYR A 275 -4.31 -0.07 -6.71
N PHE A 276 -4.95 -0.61 -7.73
CA PHE A 276 -5.96 0.08 -8.51
C PHE A 276 -7.11 0.43 -7.62
N GLY A 277 -7.47 1.70 -7.61
CA GLY A 277 -8.55 2.17 -6.75
C GLY A 277 -8.02 2.95 -5.56
N PHE A 278 -6.70 3.15 -5.49
CA PHE A 278 -6.10 3.93 -4.40
C PHE A 278 -6.82 5.24 -4.23
N SER A 279 -7.08 5.89 -5.35
CA SER A 279 -7.81 7.14 -5.34
C SER A 279 -8.77 7.19 -6.50
N VAL A 280 -9.91 7.81 -6.28
CA VAL A 280 -10.88 7.96 -7.35
C VAL A 280 -11.37 9.40 -7.42
N ALA A 281 -11.82 9.79 -8.59
CA ALA A 281 -12.40 11.10 -8.81
C ALA A 281 -13.41 11.04 -9.92
N ALA A 282 -14.34 11.97 -9.94
CA ALA A 282 -15.30 12.01 -11.04
C ALA A 282 -15.55 13.44 -11.47
N THR A 283 -15.59 13.63 -12.78
CA THR A 283 -15.81 14.95 -13.38
C THR A 283 -16.14 14.80 -14.85
N ASP A 284 -16.77 15.80 -15.44
CA ASP A 284 -17.00 15.79 -16.89
C ASP A 284 -15.80 16.34 -17.62
N ILE A 285 -15.01 15.46 -18.24
CA ILE A 285 -13.74 15.87 -18.81
C ILE A 285 -13.82 16.07 -20.32
N ASN A 286 -15.01 15.84 -20.90
CA ASN A 286 -15.14 15.96 -22.34
C ASN A 286 -16.36 16.75 -22.79
N GLY A 287 -17.08 17.37 -21.85
CA GLY A 287 -18.19 18.24 -22.20
C GLY A 287 -19.40 17.46 -22.68
N ASP A 288 -19.59 16.25 -22.18
CA ASP A 288 -20.69 15.42 -22.63
C ASP A 288 -21.87 15.38 -21.66
N ASP A 289 -21.78 16.13 -20.56
CA ASP A 289 -22.80 16.17 -19.51
C ASP A 289 -22.94 14.85 -18.76
N TYR A 290 -21.94 13.99 -18.89
CA TYR A 290 -21.89 12.76 -18.12
C TYR A 290 -20.59 12.72 -17.33
N ALA A 291 -20.68 12.37 -16.06
CA ALA A 291 -19.49 12.28 -15.22
C ALA A 291 -18.58 11.20 -15.76
N ASP A 292 -17.29 11.46 -15.75
CA ASP A 292 -16.30 10.49 -16.19
C ASP A 292 -15.56 10.00 -14.95
N VAL A 293 -14.97 8.81 -15.03
CA VAL A 293 -14.34 8.24 -13.85
C VAL A 293 -12.82 8.13 -13.98
N PHE A 294 -12.12 8.68 -13.00
CA PHE A 294 -10.67 8.66 -12.95
C PHE A 294 -10.19 7.77 -11.82
N ILE A 295 -9.46 6.71 -12.16
CA ILE A 295 -9.02 5.77 -11.14
C ILE A 295 -7.50 5.65 -11.10
N GLY A 296 -6.93 5.89 -9.94
CA GLY A 296 -5.48 5.78 -9.80
C GLY A 296 -5.04 4.35 -9.52
N ALA A 297 -3.81 4.05 -9.89
CA ALA A 297 -3.14 2.77 -9.61
C ALA A 297 -1.65 3.03 -9.47
N PRO A 298 -1.22 3.66 -8.36
CA PRO A 298 0.07 4.25 -8.13
C PRO A 298 1.24 3.29 -8.17
N LEU A 299 0.99 2.00 -8.00
CA LEU A 299 2.10 1.06 -7.97
C LEU A 299 2.21 0.30 -9.28
N PHE A 300 1.44 0.69 -10.28
CA PHE A 300 1.45 -0.03 -11.55
C PHE A 300 2.83 -0.08 -12.20
N MET A 301 3.22 -1.27 -12.64
CA MET A 301 4.48 -1.49 -13.32
C MET A 301 4.30 -1.64 -14.82
N ASP A 302 4.94 -0.75 -15.56
CA ASP A 302 4.84 -0.68 -17.00
C ASP A 302 6.00 -1.44 -17.65
N ARG A 303 5.69 -2.56 -18.29
CA ARG A 303 6.71 -3.42 -18.89
C ARG A 303 7.30 -2.81 -20.16
N GLY A 304 8.63 -2.81 -20.24
CA GLY A 304 9.33 -2.28 -21.40
C GLY A 304 9.61 -3.33 -22.47
N SER A 305 10.40 -2.96 -23.47
CA SER A 305 10.70 -3.84 -24.61
C SER A 305 11.51 -5.09 -24.27
N ASP A 306 12.28 -5.04 -23.19
CA ASP A 306 13.09 -6.19 -22.79
C ASP A 306 12.42 -7.04 -21.73
N GLY A 307 11.19 -6.70 -21.40
CA GLY A 307 10.46 -7.42 -20.38
C GLY A 307 10.66 -6.85 -18.98
N LYS A 308 11.44 -5.77 -18.87
CA LYS A 308 11.70 -5.18 -17.57
C LYS A 308 10.49 -4.42 -17.06
N LEU A 309 10.19 -4.59 -15.78
CA LEU A 309 9.09 -3.86 -15.15
C LEU A 309 9.52 -2.63 -14.40
N GLN A 310 8.98 -1.49 -14.80
CA GLN A 310 9.28 -0.23 -14.14
C GLN A 310 8.09 0.27 -13.36
N GLU A 311 8.24 0.45 -12.06
CA GLU A 311 7.12 0.94 -11.27
C GLU A 311 6.98 2.41 -11.51
N VAL A 312 5.90 2.81 -12.11
CA VAL A 312 5.69 4.19 -12.48
C VAL A 312 4.41 4.78 -11.91
N GLY A 313 3.35 4.00 -11.98
CA GLY A 313 2.02 4.46 -11.61
C GLY A 313 1.19 4.71 -12.86
N GLN A 314 -0.09 4.39 -12.76
CA GLN A 314 -1.03 4.54 -13.87
C GLN A 314 -2.35 5.12 -13.43
N VAL A 315 -2.98 5.89 -14.32
CA VAL A 315 -4.34 6.37 -14.10
C VAL A 315 -5.25 5.89 -15.22
N SER A 316 -6.33 5.22 -14.85
CA SER A 316 -7.30 4.74 -15.81
C SER A 316 -8.38 5.77 -15.98
N VAL A 317 -8.63 6.16 -17.22
CA VAL A 317 -9.63 7.18 -17.47
C VAL A 317 -10.75 6.63 -18.30
N SER A 318 -11.96 6.64 -17.75
CA SER A 318 -13.07 6.11 -18.50
C SER A 318 -14.15 7.14 -18.69
N LEU A 319 -14.63 7.25 -19.92
CA LEU A 319 -15.68 8.19 -20.22
C LEU A 319 -17.02 7.53 -20.16
N GLN A 320 -17.99 8.22 -19.60
CA GLN A 320 -19.33 7.69 -19.52
C GLN A 320 -20.11 7.99 -20.77
N ARG A 321 -20.75 6.99 -21.33
CA ARG A 321 -21.56 7.18 -22.51
C ARG A 321 -23.03 6.98 -22.18
N ALA A 322 -23.90 7.51 -23.02
CA ALA A 322 -25.34 7.50 -22.77
C ALA A 322 -25.90 6.12 -22.56
N SER A 323 -25.31 5.11 -23.20
CA SER A 323 -25.79 3.74 -23.10
C SER A 323 -25.54 3.11 -21.73
N GLY A 324 -24.68 3.74 -20.93
CA GLY A 324 -24.28 3.19 -19.64
C GLY A 324 -22.92 2.52 -19.77
N ASP A 325 -22.44 2.41 -21.00
CA ASP A 325 -21.13 1.82 -21.25
C ASP A 325 -20.05 2.83 -20.94
N PHE A 326 -18.86 2.33 -20.63
CA PHE A 326 -17.72 3.20 -20.45
C PHE A 326 -16.64 2.95 -21.49
N GLN A 327 -16.01 4.03 -21.92
CA GLN A 327 -14.91 3.98 -22.86
C GLN A 327 -13.60 4.24 -22.13
N THR A 328 -12.77 3.22 -21.99
CA THR A 328 -11.60 3.34 -21.13
C THR A 328 -10.27 3.40 -21.86
N THR A 329 -9.45 4.37 -21.47
CA THR A 329 -8.08 4.52 -21.95
C THR A 329 -7.12 4.54 -20.76
N LYS A 330 -5.82 4.50 -21.04
CA LYS A 330 -4.86 4.46 -19.94
C LYS A 330 -3.79 5.53 -20.07
N LEU A 331 -3.54 6.21 -18.96
CA LEU A 331 -2.50 7.22 -18.88
C LEU A 331 -1.37 6.76 -17.96
N ASN A 332 -0.19 6.59 -18.50
CA ASN A 332 0.93 6.14 -17.68
C ASN A 332 1.70 7.32 -17.13
N GLY A 333 2.39 7.10 -16.02
CA GLY A 333 3.20 8.14 -15.43
C GLY A 333 4.50 8.31 -16.15
N PHE A 334 5.37 9.16 -15.62
CA PHE A 334 6.59 9.51 -16.33
C PHE A 334 7.88 9.10 -15.60
N GLU A 335 7.80 8.84 -14.31
CA GLU A 335 9.02 8.55 -13.54
C GLU A 335 8.89 7.36 -12.62
N VAL A 336 9.99 6.64 -12.46
CA VAL A 336 10.00 5.44 -11.67
C VAL A 336 9.98 5.73 -10.18
N PHE A 337 9.08 5.04 -9.49
CA PHE A 337 8.78 5.15 -8.07
C PHE A 337 8.23 6.50 -7.67
N ALA A 338 7.75 7.28 -8.64
CA ALA A 338 7.16 8.57 -8.33
C ALA A 338 5.72 8.41 -7.85
N ARG A 339 5.15 7.23 -8.11
CA ARG A 339 3.77 6.91 -7.77
C ARG A 339 2.76 7.85 -8.40
N PHE A 340 2.84 7.97 -9.72
CA PHE A 340 1.92 8.78 -10.47
C PHE A 340 0.52 8.24 -10.31
N GLY A 341 -0.42 9.12 -10.04
CA GLY A 341 -1.80 8.71 -9.90
C GLY A 341 -2.22 8.54 -8.46
N SER A 342 -1.33 8.81 -7.52
CA SER A 342 -1.67 8.70 -6.10
C SER A 342 -2.67 9.76 -5.66
N ALA A 343 -2.81 10.82 -6.44
CA ALA A 343 -3.78 11.85 -6.10
C ALA A 343 -4.33 12.48 -7.35
N ILE A 344 -5.65 12.49 -7.44
CA ILE A 344 -6.34 13.03 -8.59
C ILE A 344 -7.29 14.12 -8.14
N ALA A 345 -7.19 15.29 -8.73
CA ALA A 345 -8.02 16.41 -8.32
C ALA A 345 -8.53 17.22 -9.51
N PRO A 346 -9.82 17.09 -9.85
CA PRO A 346 -10.49 17.84 -10.90
C PRO A 346 -10.28 19.32 -10.62
N LEU A 347 -9.99 20.07 -11.66
CA LEU A 347 -9.73 21.50 -11.49
C LEU A 347 -10.87 22.35 -11.99
N GLY A 348 -11.85 21.73 -12.60
CA GLY A 348 -12.89 22.50 -13.25
C GLY A 348 -12.29 23.03 -14.54
N ASP A 349 -12.89 24.04 -15.13
CA ASP A 349 -12.36 24.50 -16.41
C ASP A 349 -11.24 25.51 -16.19
N LEU A 350 -10.07 24.99 -15.84
CA LEU A 350 -8.89 25.77 -15.47
C LEU A 350 -8.52 26.82 -16.48
N ASP A 351 -8.55 26.46 -17.76
CA ASP A 351 -8.18 27.37 -18.83
C ASP A 351 -9.37 27.97 -19.57
N GLN A 352 -10.57 27.81 -19.01
CA GLN A 352 -11.79 28.33 -19.61
C GLN A 352 -11.93 27.99 -21.10
N ASP A 353 -11.72 26.72 -21.47
CA ASP A 353 -11.86 26.34 -22.88
C ASP A 353 -13.14 25.58 -23.17
N GLY A 354 -13.99 25.43 -22.15
CA GLY A 354 -15.23 24.69 -22.30
C GLY A 354 -15.12 23.26 -21.78
N PHE A 355 -13.91 22.79 -21.49
CA PHE A 355 -13.73 21.44 -21.00
C PHE A 355 -13.04 21.43 -19.65
N ASN A 356 -13.42 20.52 -18.78
CA ASN A 356 -12.77 20.50 -17.48
C ASN A 356 -11.38 19.93 -17.61
N ASP A 357 -10.50 20.41 -16.76
CA ASP A 357 -9.11 20.02 -16.72
C ASP A 357 -8.86 19.28 -15.42
N ILE A 358 -7.78 18.50 -15.33
CA ILE A 358 -7.55 17.74 -14.11
C ILE A 358 -6.07 17.67 -13.73
N ALA A 359 -5.80 17.66 -12.41
CA ALA A 359 -4.43 17.51 -11.94
C ALA A 359 -4.18 16.12 -11.41
N ILE A 360 -3.07 15.53 -11.83
CA ILE A 360 -2.66 14.22 -11.34
C ILE A 360 -1.26 14.31 -10.74
N ALA A 361 -1.13 13.91 -9.49
CA ALA A 361 0.15 14.03 -8.80
C ALA A 361 1.00 12.80 -8.91
N ALA A 362 2.29 13.02 -8.68
CA ALA A 362 3.33 12.01 -8.56
C ALA A 362 4.29 12.46 -7.45
N PRO A 363 3.88 12.34 -6.17
CA PRO A 363 4.46 12.93 -4.99
C PRO A 363 5.92 12.62 -4.74
N TYR A 364 6.45 11.55 -5.33
CA TYR A 364 7.84 11.24 -5.06
C TYR A 364 8.73 11.44 -6.28
N GLY A 365 8.22 12.12 -7.30
CA GLY A 365 8.99 12.34 -8.52
C GLY A 365 9.80 13.65 -8.50
N GLY A 366 10.49 13.90 -9.58
CA GLY A 366 11.29 15.10 -9.74
C GLY A 366 12.66 14.96 -9.11
N GLU A 367 13.44 16.03 -9.17
CA GLU A 367 14.76 15.95 -8.61
C GLU A 367 14.61 15.81 -7.11
N ASP A 368 15.46 14.98 -6.52
CA ASP A 368 15.47 14.75 -5.08
C ASP A 368 14.14 14.23 -4.55
N LYS A 369 13.28 13.76 -5.44
CA LYS A 369 11.97 13.23 -5.06
C LYS A 369 11.15 14.25 -4.28
N LYS A 370 11.23 15.52 -4.69
CA LYS A 370 10.47 16.59 -4.05
C LYS A 370 8.97 16.42 -4.25
N GLY A 371 8.59 15.88 -5.42
CA GLY A 371 7.22 15.67 -5.80
C GLY A 371 6.80 16.56 -6.95
N ILE A 372 5.97 16.02 -7.84
CA ILE A 372 5.46 16.72 -9.00
C ILE A 372 3.95 16.63 -9.17
N VAL A 373 3.36 17.70 -9.65
CA VAL A 373 1.96 17.70 -10.04
C VAL A 373 1.82 17.98 -11.53
N TYR A 374 1.14 17.09 -12.24
CA TYR A 374 0.97 17.25 -13.67
C TYR A 374 -0.42 17.77 -14.01
N ILE A 375 -0.47 18.82 -14.80
CA ILE A 375 -1.75 19.39 -15.20
C ILE A 375 -2.10 18.94 -16.61
N PHE A 376 -3.24 18.27 -16.73
CA PHE A 376 -3.70 17.76 -18.02
C PHE A 376 -4.99 18.48 -18.45
N ASN A 377 -4.97 19.02 -19.66
CA ASN A 377 -6.15 19.70 -20.18
C ASN A 377 -7.13 18.71 -20.78
N GLY A 378 -8.40 19.05 -20.71
CA GLY A 378 -9.45 18.22 -21.28
C GLY A 378 -9.73 18.59 -22.73
N ARG A 379 -10.70 17.90 -23.32
CA ARG A 379 -11.11 18.13 -24.71
C ARG A 379 -12.27 17.22 -25.06
N SER A 380 -12.89 17.44 -26.21
CA SER A 380 -14.08 16.68 -26.61
C SER A 380 -13.85 15.19 -26.79
N THR A 381 -12.60 14.77 -26.95
CA THR A 381 -12.29 13.37 -27.20
C THR A 381 -11.82 12.65 -25.94
N GLY A 382 -11.81 13.35 -24.81
CA GLY A 382 -11.33 12.77 -23.57
C GLY A 382 -10.08 13.50 -23.12
N LEU A 383 -9.46 13.06 -22.04
CA LEU A 383 -8.33 13.79 -21.50
C LEU A 383 -7.13 13.75 -22.45
N ASN A 384 -6.44 14.88 -22.59
CA ASN A 384 -5.23 14.93 -23.38
C ASN A 384 -4.12 14.26 -22.58
N ALA A 385 -3.57 13.17 -23.12
CA ALA A 385 -2.58 12.35 -22.42
C ALA A 385 -1.27 13.10 -22.17
N VAL A 386 -1.04 14.17 -22.90
CA VAL A 386 0.18 14.94 -22.76
C VAL A 386 -0.06 16.10 -21.80
N PRO A 387 0.69 16.22 -20.71
CA PRO A 387 0.54 17.24 -19.70
C PRO A 387 0.89 18.58 -20.30
N SER A 388 0.17 19.62 -19.89
CA SER A 388 0.41 20.96 -20.39
C SER A 388 1.34 21.73 -19.48
N GLN A 389 1.31 21.39 -18.20
CA GLN A 389 2.13 22.11 -17.25
C GLN A 389 2.61 21.21 -16.14
N ILE A 390 3.84 21.43 -15.70
CA ILE A 390 4.40 20.65 -14.63
C ILE A 390 4.80 21.51 -13.44
N LEU A 391 4.23 21.18 -12.29
CA LEU A 391 4.51 21.89 -11.05
C LEU A 391 5.46 21.08 -10.18
N GLU A 392 6.59 21.67 -9.81
CA GLU A 392 7.55 20.95 -8.97
C GLU A 392 7.53 21.46 -7.54
N GLY A 393 7.84 20.57 -6.60
CA GLY A 393 7.95 20.95 -5.19
C GLY A 393 9.12 21.90 -5.00
N GLN A 394 8.98 22.79 -4.03
CA GLN A 394 10.00 23.80 -3.78
C GLN A 394 10.78 23.62 -2.49
N TRP A 395 10.67 22.45 -1.86
CA TRP A 395 11.34 22.29 -0.57
C TRP A 395 12.15 21.00 -0.49
N ALA A 396 13.19 21.03 0.30
CA ALA A 396 14.02 19.86 0.52
C ALA A 396 13.41 18.97 1.59
N ALA A 397 13.70 17.68 1.52
CA ALA A 397 13.28 16.75 2.57
C ALA A 397 14.03 17.05 3.85
N ARG A 398 13.34 16.95 4.98
CA ARG A 398 13.99 17.15 6.26
C ARG A 398 14.19 15.84 7.00
N SER A 399 13.28 14.88 6.76
CA SER A 399 13.31 13.60 7.42
C SER A 399 12.57 12.63 6.53
N MET A 400 11.74 13.20 5.67
CA MET A 400 10.94 12.44 4.73
C MET A 400 10.70 13.35 3.53
N PRO A 401 10.37 12.81 2.35
CA PRO A 401 10.06 13.56 1.16
C PRO A 401 8.91 14.52 1.42
N PRO A 402 8.96 15.76 0.92
CA PRO A 402 7.92 16.77 1.01
C PRO A 402 6.60 16.20 0.54
N SER A 403 6.67 15.27 -0.38
CA SER A 403 5.49 14.64 -0.92
C SER A 403 4.57 15.70 -1.50
N PHE A 404 5.16 16.61 -2.28
CA PHE A 404 4.39 17.65 -2.91
C PHE A 404 3.42 17.04 -3.89
N GLY A 405 2.15 17.36 -3.73
CA GLY A 405 1.14 16.80 -4.60
C GLY A 405 0.41 15.63 -3.96
N TYR A 406 0.79 15.29 -2.74
CA TYR A 406 0.13 14.19 -2.04
C TYR A 406 -1.37 14.40 -1.98
N SER A 407 -1.79 15.61 -1.64
CA SER A 407 -3.20 15.95 -1.59
C SER A 407 -3.47 17.26 -2.32
N MET A 408 -4.52 17.27 -3.13
CA MET A 408 -4.84 18.44 -3.93
C MET A 408 -6.32 18.71 -4.02
N LYS A 409 -6.68 19.98 -4.19
CA LYS A 409 -8.06 20.33 -4.49
C LYS A 409 -8.15 21.52 -5.44
N GLY A 410 -8.99 21.42 -6.46
CA GLY A 410 -9.18 22.54 -7.36
C GLY A 410 -10.66 22.91 -7.52
N ALA A 411 -10.97 23.60 -8.62
CA ALA A 411 -12.31 24.03 -9.01
C ALA A 411 -12.93 25.07 -8.08
N THR A 412 -12.09 25.80 -7.36
CA THR A 412 -12.55 26.93 -6.55
C THR A 412 -11.76 28.16 -6.92
N ASP A 413 -12.44 29.27 -7.17
CA ASP A 413 -11.74 30.48 -7.58
C ASP A 413 -11.59 31.45 -6.40
N ILE A 414 -10.37 31.58 -5.89
CA ILE A 414 -10.10 32.40 -4.71
C ILE A 414 -9.77 33.83 -5.07
N ASP A 415 -9.01 34.03 -6.15
CA ASP A 415 -8.66 35.39 -6.54
C ASP A 415 -9.73 36.06 -7.38
N LYS A 416 -10.86 35.37 -7.53
CA LYS A 416 -12.05 35.88 -8.20
C LYS A 416 -11.79 36.43 -9.61
N ASN A 417 -11.24 35.62 -10.50
CA ASN A 417 -11.00 36.11 -11.85
C ASN A 417 -11.66 35.25 -12.91
N GLY A 418 -12.40 34.24 -12.48
CA GLY A 418 -13.12 33.34 -13.38
C GLY A 418 -12.34 32.07 -13.68
N TYR A 419 -11.07 32.03 -13.30
CA TYR A 419 -10.24 30.87 -13.55
C TYR A 419 -9.92 30.20 -12.23
N PRO A 420 -10.41 28.98 -11.95
CA PRO A 420 -10.32 28.31 -10.68
C PRO A 420 -8.88 28.04 -10.34
N ASP A 421 -8.57 28.03 -9.05
CA ASP A 421 -7.21 27.88 -8.59
C ASP A 421 -6.98 26.46 -8.07
N LEU A 422 -5.75 26.17 -7.64
CA LEU A 422 -5.39 24.84 -7.14
C LEU A 422 -4.55 24.86 -5.87
N ILE A 423 -5.04 24.18 -4.83
CA ILE A 423 -4.29 24.09 -3.58
C ILE A 423 -3.58 22.76 -3.52
N VAL A 424 -2.26 22.81 -3.31
CA VAL A 424 -1.45 21.60 -3.27
C VAL A 424 -0.74 21.46 -1.93
N GLY A 425 -0.96 20.33 -1.27
CA GLY A 425 -0.31 20.07 0.00
C GLY A 425 1.09 19.49 -0.20
N ALA A 426 1.94 19.67 0.80
CA ALA A 426 3.29 19.13 0.83
C ALA A 426 3.64 18.80 2.28
N PHE A 427 2.93 17.84 2.83
CA PHE A 427 2.96 17.59 4.26
C PHE A 427 4.30 17.15 4.81
N GLY A 428 5.18 16.64 3.98
CA GLY A 428 6.48 16.19 4.48
C GLY A 428 7.30 17.34 5.03
N VAL A 429 6.94 18.56 4.62
CA VAL A 429 7.63 19.75 5.08
C VAL A 429 6.68 20.67 5.85
N ASP A 430 5.52 20.12 6.23
CA ASP A 430 4.48 20.86 6.94
C ASP A 430 4.05 22.13 6.22
N ARG A 431 3.85 22.04 4.91
CA ARG A 431 3.44 23.21 4.13
C ARG A 431 2.28 22.93 3.18
N ALA A 432 1.65 24.02 2.75
CA ALA A 432 0.61 23.99 1.74
C ALA A 432 0.79 25.19 0.84
N ILE A 433 0.60 25.00 -0.45
CA ILE A 433 0.83 26.10 -1.38
C ILE A 433 -0.31 26.27 -2.38
N LEU A 434 -0.77 27.50 -2.55
CA LEU A 434 -1.86 27.79 -3.48
C LEU A 434 -1.39 28.41 -4.78
N TYR A 435 -1.65 27.70 -5.87
CA TYR A 435 -1.31 28.17 -7.21
C TYR A 435 -2.53 28.80 -7.84
N ARG A 436 -2.38 30.02 -8.32
CA ARG A 436 -3.52 30.71 -8.91
C ARG A 436 -3.47 30.67 -10.42
N ALA A 437 -4.64 30.59 -11.04
CA ALA A 437 -4.72 30.50 -12.49
C ALA A 437 -4.78 31.86 -13.16
N ARG A 438 -3.88 32.06 -14.11
CA ARG A 438 -3.78 33.28 -14.89
C ARG A 438 -4.89 33.36 -15.92
N PRO A 439 -5.36 34.57 -16.27
CA PRO A 439 -6.28 34.83 -17.34
C PRO A 439 -5.70 34.37 -18.65
N VAL A 440 -6.56 33.95 -19.57
CA VAL A 440 -6.09 33.45 -20.86
C VAL A 440 -6.56 34.32 -22.00
N ILE A 441 -5.62 34.73 -22.83
CA ILE A 441 -5.92 35.58 -23.97
C ILE A 441 -5.89 34.82 -25.29
N THR A 442 -6.98 34.91 -26.02
CA THR A 442 -7.09 34.31 -27.33
C THR A 442 -6.81 35.38 -28.35
N VAL A 443 -5.88 35.12 -29.27
CA VAL A 443 -5.50 36.15 -30.22
C VAL A 443 -5.77 35.79 -31.66
N ASN A 444 -6.48 36.67 -32.33
CA ASN A 444 -6.78 36.57 -33.74
C ASN A 444 -5.78 37.40 -34.52
N ALA A 445 -4.77 36.76 -35.09
CA ALA A 445 -3.74 37.49 -35.81
C ALA A 445 -3.88 37.23 -37.30
N GLY A 446 -4.08 38.31 -38.05
CA GLY A 446 -4.28 38.20 -39.49
C GLY A 446 -3.05 38.68 -40.26
N LEU A 447 -2.84 38.10 -41.44
CA LEU A 447 -1.78 38.53 -42.34
C LEU A 447 -2.22 38.34 -43.79
N GLU A 448 -2.10 39.40 -44.59
CA GLU A 448 -2.51 39.34 -46.00
C GLU A 448 -1.52 40.02 -46.93
N VAL A 449 -1.41 39.52 -48.15
CA VAL A 449 -0.50 40.13 -49.12
C VAL A 449 -1.25 40.59 -50.37
N TYR A 450 -1.06 41.87 -50.70
CA TYR A 450 -1.74 42.49 -51.82
C TYR A 450 -0.81 43.11 -52.88
N PRO A 451 -0.63 42.47 -54.04
CA PRO A 451 -0.96 41.11 -54.46
C PRO A 451 0.11 40.15 -53.98
N SER A 452 -0.21 38.87 -53.95
CA SER A 452 0.79 37.86 -53.69
C SER A 452 1.69 37.61 -54.90
N ILE A 453 1.23 38.01 -56.09
CA ILE A 453 1.99 37.80 -57.31
C ILE A 453 2.49 39.10 -57.90
N LEU A 454 3.79 39.16 -58.12
CA LEU A 454 4.43 40.33 -58.70
C LEU A 454 5.66 39.94 -59.49
N ASN A 455 6.29 40.92 -60.11
CA ASN A 455 7.53 40.66 -60.82
C ASN A 455 8.43 41.88 -60.76
N GLN A 456 9.68 41.71 -61.19
CA GLN A 456 10.68 42.74 -61.09
C GLN A 456 10.45 43.93 -62.01
N ASP A 457 9.59 43.75 -63.02
CA ASP A 457 9.34 44.81 -63.98
C ASP A 457 8.03 45.53 -63.69
N ASN A 458 7.33 45.09 -62.64
CA ASN A 458 6.04 45.69 -62.36
C ASN A 458 6.25 46.87 -61.45
N LYS A 459 6.79 47.95 -62.01
CA LYS A 459 7.13 49.11 -61.20
C LYS A 459 5.88 49.92 -60.94
N THR A 460 5.51 50.00 -59.66
CA THR A 460 4.25 50.65 -59.28
C THR A 460 4.38 51.81 -58.27
N CYS A 461 5.55 52.01 -57.64
CA CYS A 461 5.74 53.08 -56.66
C CYS A 461 7.20 53.51 -56.65
N SER A 462 7.49 54.64 -55.97
CA SER A 462 8.85 55.17 -55.89
C SER A 462 9.42 55.06 -54.49
N LEU A 463 10.75 55.06 -54.40
CA LEU A 463 11.42 55.05 -53.12
C LEU A 463 11.38 56.43 -52.47
N PRO A 464 11.39 56.51 -51.13
CA PRO A 464 11.59 57.68 -50.31
C PRO A 464 12.95 58.32 -50.55
N GLY A 465 13.03 59.64 -50.39
CA GLY A 465 14.28 60.37 -50.56
C GLY A 465 14.55 60.66 -52.03
N THR A 466 14.80 59.59 -52.77
CA THR A 466 15.01 59.68 -54.21
C THR A 466 13.95 58.86 -54.89
N ALA A 467 13.18 59.48 -55.78
CA ALA A 467 12.04 58.81 -56.38
C ALA A 467 12.43 57.88 -57.51
N LEU A 468 13.08 56.78 -57.15
CA LEU A 468 13.44 55.76 -58.11
C LEU A 468 12.28 54.79 -58.20
N LYS A 469 11.96 54.33 -59.40
CA LYS A 469 10.80 53.45 -59.57
C LYS A 469 11.17 52.01 -59.28
N VAL A 470 10.36 51.37 -58.44
CA VAL A 470 10.54 49.98 -58.05
C VAL A 470 9.24 49.19 -58.13
N SER A 471 9.37 47.85 -58.18
CA SER A 471 8.20 46.98 -58.06
C SER A 471 7.80 46.98 -56.60
N CYS A 472 6.49 46.83 -56.31
CA CYS A 472 5.99 46.95 -54.94
C CYS A 472 4.83 45.98 -54.67
N PHE A 473 4.58 45.72 -53.39
CA PHE A 473 3.41 44.99 -52.91
C PHE A 473 3.09 45.44 -51.49
N ASN A 474 1.85 45.28 -51.08
CA ASN A 474 1.46 45.71 -49.75
C ASN A 474 1.27 44.54 -48.81
N VAL A 475 1.78 44.68 -47.60
CA VAL A 475 1.55 43.65 -46.59
C VAL A 475 0.76 44.21 -45.44
N ARG A 476 -0.37 43.59 -45.17
CA ARG A 476 -1.24 44.05 -44.11
C ARG A 476 -1.27 43.04 -43.00
N PHE A 477 -1.37 43.53 -41.80
CA PHE A 477 -1.53 42.65 -40.68
C PHE A 477 -2.42 43.31 -39.67
N CYS A 478 -3.04 42.50 -38.84
CA CYS A 478 -3.93 43.04 -37.85
C CYS A 478 -4.12 42.13 -36.67
N LEU A 479 -4.54 42.69 -35.55
CA LEU A 479 -4.71 41.83 -34.39
C LEU A 479 -5.87 42.22 -33.48
N LYS A 480 -6.65 41.23 -33.08
CA LYS A 480 -7.74 41.35 -32.10
C LYS A 480 -7.55 40.31 -31.02
N ALA A 481 -8.00 40.61 -29.81
CA ALA A 481 -7.81 39.66 -28.74
C ALA A 481 -8.90 39.79 -27.69
N ASP A 482 -9.15 38.70 -26.98
CA ASP A 482 -10.05 38.75 -25.82
C ASP A 482 -9.84 37.57 -24.88
N GLY A 483 -10.58 37.56 -23.79
CA GLY A 483 -10.56 36.47 -22.82
C GLY A 483 -11.96 36.27 -22.26
N LYS A 484 -12.10 35.41 -21.25
CA LYS A 484 -13.42 35.11 -20.72
C LYS A 484 -13.60 35.57 -19.27
N GLY A 485 -12.50 35.75 -18.56
CA GLY A 485 -12.56 36.10 -17.15
C GLY A 485 -12.17 37.55 -16.96
N VAL A 486 -11.50 37.84 -15.85
CA VAL A 486 -11.12 39.22 -15.58
C VAL A 486 -9.75 39.54 -16.14
N LEU A 487 -9.76 40.32 -17.21
CA LEU A 487 -8.56 40.72 -17.92
C LEU A 487 -8.50 42.24 -18.01
N PRO A 488 -7.32 42.85 -18.07
CA PRO A 488 -7.10 44.26 -18.31
C PRO A 488 -7.79 44.65 -19.61
N ARG A 489 -8.40 45.83 -19.64
CA ARG A 489 -9.07 46.26 -20.85
C ARG A 489 -8.07 46.52 -21.97
N LYS A 490 -6.91 47.04 -21.60
CA LYS A 490 -5.88 47.34 -22.59
C LYS A 490 -4.78 46.30 -22.59
N LEU A 491 -4.66 45.57 -23.68
CA LEU A 491 -3.62 44.56 -23.83
C LEU A 491 -2.48 45.11 -24.66
N ASN A 492 -1.31 45.14 -24.07
CA ASN A 492 -0.14 45.69 -24.72
C ASN A 492 0.63 44.60 -25.47
N PHE A 493 0.63 44.68 -26.80
CA PHE A 493 1.25 43.69 -27.67
C PHE A 493 2.49 44.18 -28.40
N GLN A 494 3.39 43.26 -28.64
CA GLN A 494 4.58 43.49 -29.44
C GLN A 494 4.48 42.67 -30.71
N VAL A 495 4.66 43.31 -31.87
CA VAL A 495 4.60 42.55 -33.10
C VAL A 495 5.83 42.79 -33.95
N GLU A 496 6.19 41.78 -34.74
CA GLU A 496 7.29 41.91 -35.68
C GLU A 496 6.97 41.22 -37.00
N LEU A 497 7.25 41.92 -38.10
CA LEU A 497 7.02 41.40 -39.43
C LEU A 497 8.35 41.25 -40.17
N LEU A 498 8.56 40.07 -40.73
CA LEU A 498 9.79 39.75 -41.45
C LEU A 498 9.53 39.42 -42.92
N LEU A 499 10.41 39.89 -43.79
CA LEU A 499 10.27 39.62 -45.22
C LEU A 499 11.41 38.77 -45.77
N ASP A 500 11.05 37.77 -46.57
CA ASP A 500 12.02 36.96 -47.31
C ASP A 500 13.10 36.35 -46.41
N LYS A 501 12.70 35.78 -45.27
CA LYS A 501 13.67 35.24 -44.33
C LYS A 501 14.07 33.78 -44.57
N LEU A 502 13.48 33.11 -45.55
CA LEU A 502 13.80 31.69 -45.76
C LEU A 502 15.09 31.50 -46.52
N LYS A 503 16.20 31.86 -45.89
CA LYS A 503 17.51 31.72 -46.51
C LYS A 503 18.64 31.82 -45.51
N GLN A 504 19.84 31.47 -45.96
CA GLN A 504 21.06 31.51 -45.16
C GLN A 504 21.32 32.87 -44.53
N LYS A 505 21.60 32.89 -43.23
CA LYS A 505 21.91 34.14 -42.56
C LYS A 505 23.09 34.83 -43.23
N GLY A 506 22.93 36.11 -43.55
CA GLY A 506 23.95 36.88 -44.24
C GLY A 506 23.58 37.07 -45.71
N ALA A 507 22.61 36.29 -46.17
CA ALA A 507 22.11 36.35 -47.54
C ALA A 507 21.34 37.64 -47.79
N ILE A 508 21.30 38.03 -49.05
CA ILE A 508 20.58 39.22 -49.45
C ILE A 508 19.08 38.97 -49.43
N ARG A 509 18.35 39.84 -48.73
CA ARG A 509 16.90 39.78 -48.69
C ARG A 509 16.39 40.68 -49.80
N ARG A 510 15.48 40.19 -50.62
CA ARG A 510 15.05 40.97 -51.76
C ARG A 510 13.85 41.85 -51.44
N ALA A 511 12.97 41.37 -50.57
CA ALA A 511 11.77 42.13 -50.22
C ALA A 511 12.02 42.98 -48.98
N LEU A 512 12.05 44.30 -49.18
CA LEU A 512 12.34 45.24 -48.10
C LEU A 512 11.23 46.26 -47.94
N PHE A 513 11.13 46.84 -46.75
CA PHE A 513 10.17 47.90 -46.52
C PHE A 513 10.73 49.21 -47.09
N LEU A 514 9.89 50.00 -47.75
CA LEU A 514 10.33 51.23 -48.45
C LEU A 514 10.96 52.29 -47.55
N TYR A 515 10.40 52.50 -46.39
CA TYR A 515 10.83 53.56 -45.50
C TYR A 515 12.10 53.23 -44.72
N SER A 516 12.38 51.95 -44.53
CA SER A 516 13.53 51.54 -43.76
C SER A 516 14.58 50.81 -44.56
N ARG A 517 14.24 50.38 -45.78
CA ARG A 517 15.14 49.60 -46.62
C ARG A 517 15.62 48.41 -45.81
N SER A 518 14.64 47.72 -45.23
CA SER A 518 14.91 46.68 -44.25
C SER A 518 13.95 45.51 -44.39
N PRO A 519 14.41 44.27 -44.15
CA PRO A 519 13.62 43.05 -44.14
C PRO A 519 12.78 42.89 -42.88
N SER A 520 12.93 43.82 -41.93
CA SER A 520 12.18 43.67 -40.68
C SER A 520 11.59 44.98 -40.18
N HIS A 521 10.48 44.85 -39.45
CA HIS A 521 9.83 45.98 -38.79
C HIS A 521 9.06 45.52 -37.57
N SER A 522 9.10 46.32 -36.50
CA SER A 522 8.33 46.00 -35.30
C SER A 522 7.50 47.18 -34.85
N LYS A 523 6.42 46.89 -34.12
CA LYS A 523 5.53 47.94 -33.63
C LYS A 523 4.98 47.67 -32.24
N ASN A 524 4.73 48.76 -31.52
CA ASN A 524 4.07 48.72 -30.21
C ASN A 524 2.57 48.92 -30.42
N MET A 525 1.76 47.91 -30.14
CA MET A 525 0.33 48.02 -30.39
C MET A 525 -0.51 47.89 -29.13
N THR A 526 -1.52 48.72 -29.00
CA THR A 526 -2.43 48.58 -27.86
C THR A 526 -3.77 48.10 -28.36
N ILE A 527 -4.19 46.96 -27.85
CA ILE A 527 -5.41 46.34 -28.31
C ILE A 527 -6.46 46.35 -27.22
N SER A 528 -7.61 46.95 -27.48
CA SER A 528 -8.67 46.89 -26.49
C SER A 528 -9.17 45.46 -26.54
N ARG A 529 -9.31 44.81 -25.40
CA ARG A 529 -9.82 43.46 -25.50
C ARG A 529 -11.29 43.52 -25.82
N GLY A 530 -11.71 42.68 -26.74
CA GLY A 530 -13.10 42.63 -27.14
C GLY A 530 -13.43 43.75 -28.14
N GLY A 531 -12.40 44.46 -28.61
CA GLY A 531 -12.58 45.57 -29.50
C GLY A 531 -12.37 45.19 -30.96
N LEU A 532 -11.96 46.17 -31.76
CA LEU A 532 -11.76 46.00 -33.19
C LEU A 532 -10.36 45.52 -33.47
N MET A 533 -10.15 44.87 -34.60
CA MET A 533 -8.79 44.48 -34.94
C MET A 533 -8.03 45.75 -35.26
N GLN A 534 -6.85 45.88 -34.71
CA GLN A 534 -6.05 47.03 -35.04
C GLN A 534 -5.23 46.66 -36.23
N CYS A 535 -5.27 47.49 -37.24
CA CYS A 535 -4.63 47.15 -38.50
C CYS A 535 -3.51 48.09 -38.85
N GLU A 536 -2.54 47.56 -39.59
CA GLU A 536 -1.48 48.38 -40.15
C GLU A 536 -1.09 47.88 -41.53
N GLU A 537 -0.57 48.77 -42.37
CA GLU A 537 -0.13 48.40 -43.70
C GLU A 537 1.27 48.92 -43.99
N LEU A 538 2.15 48.03 -44.37
CA LEU A 538 3.51 48.42 -44.72
C LEU A 538 3.75 48.11 -46.18
N ILE A 539 4.53 48.95 -46.84
CA ILE A 539 4.77 48.74 -48.25
C ILE A 539 6.16 48.19 -48.49
N ALA A 540 6.21 47.08 -49.22
CA ALA A 540 7.47 46.42 -49.51
C ALA A 540 7.82 46.56 -50.98
N TYR A 541 9.10 46.52 -51.28
CA TYR A 541 9.59 46.62 -52.64
C TYR A 541 10.68 45.60 -52.88
N LEU A 542 10.93 45.27 -54.13
CA LEU A 542 12.01 44.34 -54.41
C LEU A 542 13.29 45.03 -54.82
N ARG A 543 14.41 44.49 -54.36
CA ARG A 543 15.70 44.97 -54.83
C ARG A 543 15.83 44.51 -56.28
N ASP A 544 16.56 45.27 -57.09
CA ASP A 544 16.65 44.89 -58.49
C ASP A 544 17.69 43.79 -58.70
N GLU A 545 17.82 43.34 -59.95
CA GLU A 545 18.67 42.20 -60.25
C GLU A 545 20.12 42.57 -60.48
N SER A 546 20.75 43.00 -59.40
CA SER A 546 22.16 43.31 -59.35
C SER A 546 22.68 42.72 -58.07
N GLU A 547 21.74 42.54 -57.14
CA GLU A 547 22.05 42.03 -55.80
C GLU A 547 21.11 40.90 -55.42
N PHE A 548 21.48 39.67 -55.75
CA PHE A 548 20.59 38.54 -55.55
C PHE A 548 21.32 37.20 -55.55
N ARG A 549 20.66 36.17 -55.01
CA ARG A 549 21.15 34.80 -55.16
C ARG A 549 20.46 34.12 -56.34
N ASP A 550 19.20 34.49 -56.55
CA ASP A 550 18.40 34.00 -57.67
C ASP A 550 17.47 35.10 -58.12
N LYS A 551 16.71 34.83 -59.17
CA LYS A 551 15.78 35.80 -59.70
C LYS A 551 14.35 35.36 -59.45
N LEU A 552 14.14 34.05 -59.41
CA LEU A 552 12.79 33.52 -59.28
C LEU A 552 12.62 32.61 -58.08
N THR A 553 12.25 33.21 -56.95
CA THR A 553 12.06 32.48 -55.70
C THR A 553 10.75 32.90 -55.04
N PRO A 554 10.22 32.10 -54.11
CA PRO A 554 9.19 32.46 -53.16
C PRO A 554 9.71 33.53 -52.20
N ILE A 555 8.81 34.40 -51.76
CA ILE A 555 9.08 35.41 -50.76
C ILE A 555 8.24 35.09 -49.52
N THR A 556 8.86 34.79 -48.41
CA THR A 556 8.02 34.51 -47.25
C THR A 556 7.63 35.81 -46.57
N ILE A 557 6.38 35.89 -46.17
CA ILE A 557 5.91 37.01 -45.38
C ILE A 557 5.57 36.44 -44.00
N PHE A 558 6.31 36.84 -42.98
CA PHE A 558 6.15 36.21 -41.68
C PHE A 558 5.84 37.15 -40.53
N MET A 559 4.81 36.81 -39.76
CA MET A 559 4.44 37.61 -38.60
C MET A 559 4.55 36.86 -37.28
N GLU A 560 5.12 37.54 -36.30
CA GLU A 560 5.23 37.02 -34.94
C GLU A 560 4.70 38.02 -33.93
N TYR A 561 3.97 37.53 -32.93
CA TYR A 561 3.49 38.44 -31.89
C TYR A 561 3.64 37.86 -30.49
N ARG A 562 3.70 38.75 -29.51
CA ARG A 562 3.80 38.37 -28.10
C ARG A 562 3.25 39.47 -27.21
N LEU A 563 3.06 39.16 -25.92
CA LEU A 563 2.62 40.17 -24.96
C LEU A 563 3.79 40.93 -24.37
N ASP A 564 3.52 42.15 -23.95
CA ASP A 564 4.50 43.01 -23.29
C ASP A 564 4.97 42.50 -21.93
N TYR A 565 4.02 42.10 -21.08
CA TYR A 565 4.27 41.62 -19.71
C TYR A 565 4.90 42.63 -18.75
N ARG A 566 4.80 43.92 -19.05
CA ARG A 566 5.28 44.91 -18.10
C ARG A 566 4.08 45.67 -17.54
N THR A 567 3.11 45.96 -18.41
CA THR A 567 1.91 46.66 -17.98
C THR A 567 0.73 45.68 -17.87
N ALA A 568 0.94 44.48 -18.37
CA ALA A 568 -0.10 43.46 -18.43
C ALA A 568 -0.20 42.71 -17.10
N ALA A 569 -0.77 43.34 -16.09
CA ALA A 569 -0.91 42.69 -14.78
C ALA A 569 -2.09 43.25 -14.02
N ASP A 570 -2.71 42.41 -13.19
CA ASP A 570 -3.80 42.87 -12.34
C ASP A 570 -3.26 43.40 -11.01
N THR A 571 -4.15 43.66 -10.06
CA THR A 571 -3.80 44.28 -8.79
C THR A 571 -3.01 43.38 -7.85
N THR A 572 -2.90 42.09 -8.18
CA THR A 572 -2.15 41.15 -7.35
C THR A 572 -0.82 40.84 -8.04
N GLY A 573 -0.60 41.45 -9.19
CA GLY A 573 0.59 41.20 -10.00
C GLY A 573 0.46 39.94 -10.84
N LEU A 574 -0.76 39.51 -11.11
CA LEU A 574 -0.99 38.30 -11.88
C LEU A 574 -1.08 38.66 -13.35
N GLN A 575 -0.20 38.10 -14.15
CA GLN A 575 -0.16 38.43 -15.57
C GLN A 575 -1.00 37.44 -16.35
N PRO A 576 -1.59 37.84 -17.46
CA PRO A 576 -2.31 37.00 -18.39
C PRO A 576 -1.34 36.20 -19.21
N ILE A 577 -1.81 35.09 -19.74
CA ILE A 577 -1.01 34.27 -20.63
C ILE A 577 -1.71 34.06 -21.95
N LEU A 578 -0.97 34.01 -23.04
CA LEU A 578 -1.58 33.73 -24.33
C LEU A 578 -1.97 32.27 -24.39
N ASN A 579 -3.07 31.99 -25.07
CA ASN A 579 -3.51 30.61 -25.19
C ASN A 579 -2.36 29.78 -25.77
N GLN A 580 -1.96 28.73 -25.05
CA GLN A 580 -0.80 27.95 -25.44
C GLN A 580 -1.11 26.88 -26.46
N PHE A 581 -2.36 26.82 -26.87
CA PHE A 581 -2.75 25.86 -27.88
C PHE A 581 -2.89 26.54 -29.25
N THR A 582 -2.49 27.81 -29.34
CA THR A 582 -2.51 28.49 -30.62
C THR A 582 -1.10 28.97 -30.95
N PRO A 583 -0.74 29.04 -32.23
CA PRO A 583 0.52 29.58 -32.71
C PRO A 583 0.53 31.08 -32.57
N ALA A 584 1.73 31.64 -32.39
CA ALA A 584 1.90 33.08 -32.39
C ALA A 584 2.82 33.45 -33.54
N ASN A 585 2.86 32.55 -34.49
CA ASN A 585 3.71 32.64 -35.66
C ASN A 585 2.91 32.26 -36.90
N ILE A 586 2.64 33.23 -37.77
CA ILE A 586 1.82 32.96 -38.95
C ILE A 586 2.53 33.44 -40.21
N SER A 587 2.15 32.91 -41.36
CA SER A 587 2.80 33.34 -42.60
C SER A 587 1.94 33.23 -43.84
N ARG A 588 2.35 33.99 -44.85
CA ARG A 588 1.76 33.96 -46.19
C ARG A 588 2.88 33.97 -47.21
N GLN A 589 2.64 33.42 -48.39
CA GLN A 589 3.70 33.46 -49.40
C GLN A 589 3.37 34.36 -50.57
N ALA A 590 4.38 35.07 -51.04
CA ALA A 590 4.31 35.87 -52.25
C ALA A 590 5.31 35.27 -53.23
N HIS A 591 5.10 35.45 -54.52
CA HIS A 591 6.04 34.86 -55.46
C HIS A 591 6.43 35.81 -56.58
N ILE A 592 7.67 35.64 -57.06
CA ILE A 592 8.13 36.40 -58.21
C ILE A 592 8.01 35.53 -59.47
N LEU A 593 7.16 35.98 -60.41
CA LEU A 593 6.83 35.28 -61.67
C LEU A 593 7.36 36.05 -62.88
N VAL B 62 34.30 2.93 -34.48
CA VAL B 62 33.38 2.06 -33.74
C VAL B 62 33.99 0.66 -33.66
N HIS B 63 33.96 0.07 -32.46
CA HIS B 63 34.52 -1.26 -32.21
C HIS B 63 34.02 -1.91 -30.93
N VAL B 64 34.31 -3.20 -30.79
CA VAL B 64 34.10 -3.93 -29.56
C VAL B 64 35.35 -4.70 -29.15
N ILE B 65 35.83 -4.44 -27.94
CA ILE B 65 36.99 -5.10 -27.42
C ILE B 65 36.67 -6.05 -26.28
N ILE B 66 37.09 -7.29 -26.45
CA ILE B 66 36.94 -8.28 -25.42
C ILE B 66 38.32 -8.52 -24.82
N PRO B 67 38.56 -8.21 -23.54
CA PRO B 67 39.83 -8.36 -22.86
C PRO B 67 40.34 -9.78 -22.97
N THR B 68 41.65 -9.90 -23.11
CA THR B 68 42.32 -11.19 -23.23
C THR B 68 43.06 -11.48 -21.94
N GLU B 69 42.79 -10.67 -20.94
CA GLU B 69 43.39 -10.79 -19.62
C GLU B 69 42.76 -11.94 -18.87
N ASN B 70 43.46 -12.47 -17.88
CA ASN B 70 42.89 -13.57 -17.13
C ASN B 70 41.54 -13.15 -16.57
N GLU B 71 40.55 -14.01 -16.80
CA GLU B 71 39.19 -13.76 -16.36
C GLU B 71 39.08 -14.02 -14.87
N ILE B 72 38.14 -13.34 -14.22
CA ILE B 72 37.93 -13.49 -12.78
C ILE B 72 36.53 -13.96 -12.47
N ASN B 73 35.93 -14.60 -13.45
CA ASN B 73 34.58 -15.11 -13.43
C ASN B 73 34.56 -16.53 -13.97
N THR B 74 33.81 -17.42 -13.33
CA THR B 74 33.71 -18.80 -13.78
C THR B 74 32.38 -19.13 -14.43
N GLN B 75 31.39 -18.25 -14.28
CA GLN B 75 30.05 -18.49 -14.80
C GLN B 75 29.70 -17.56 -15.93
N VAL B 76 30.00 -16.28 -15.77
CA VAL B 76 29.64 -15.28 -16.75
C VAL B 76 30.88 -14.70 -17.40
N THR B 77 31.01 -14.88 -18.70
CA THR B 77 32.19 -14.39 -19.38
C THR B 77 31.85 -13.91 -20.79
N PRO B 78 32.48 -12.84 -21.27
CA PRO B 78 33.41 -11.95 -20.62
C PRO B 78 32.76 -11.15 -19.51
N GLY B 79 33.48 -10.99 -18.41
CA GLY B 79 32.98 -10.24 -17.26
C GLY B 79 33.27 -8.76 -17.39
N GLU B 80 33.97 -8.41 -18.45
CA GLU B 80 34.31 -7.03 -18.75
C GLU B 80 34.37 -6.83 -20.24
N VAL B 81 33.66 -5.84 -20.73
CA VAL B 81 33.62 -5.51 -22.15
C VAL B 81 33.81 -4.02 -22.35
N SER B 82 34.51 -3.63 -23.41
CA SER B 82 34.65 -2.21 -23.70
C SER B 82 34.33 -1.92 -25.15
N ILE B 83 33.39 -1.00 -25.38
CA ILE B 83 33.01 -0.68 -26.75
C ILE B 83 33.12 0.80 -27.01
N GLN B 84 33.19 1.15 -28.29
CA GLN B 84 33.24 2.52 -28.76
C GLN B 84 32.11 2.78 -29.74
N LEU B 85 31.24 3.74 -29.42
CA LEU B 85 30.09 4.02 -30.25
C LEU B 85 30.00 5.45 -30.77
N ARG B 86 29.28 5.57 -31.88
CA ARG B 86 28.89 6.80 -32.54
C ARG B 86 27.40 6.69 -32.80
N PRO B 87 26.64 7.79 -32.85
CA PRO B 87 25.21 7.75 -33.05
C PRO B 87 24.91 7.09 -34.39
N GLY B 88 23.95 6.18 -34.39
CA GLY B 88 23.55 5.46 -35.60
C GLY B 88 24.33 4.16 -35.75
N ALA B 89 25.36 3.97 -34.93
CA ALA B 89 26.19 2.77 -35.00
C ALA B 89 25.79 1.75 -33.96
N GLU B 90 26.18 0.50 -34.21
CA GLU B 90 25.94 -0.58 -33.27
C GLU B 90 27.11 -1.54 -33.26
N ALA B 91 27.24 -2.27 -32.16
CA ALA B 91 28.27 -3.29 -32.03
C ALA B 91 27.73 -4.42 -31.17
N ASN B 92 28.28 -5.62 -31.29
CA ASN B 92 27.78 -6.70 -30.49
C ASN B 92 28.83 -7.72 -30.10
N PHE B 93 28.40 -8.64 -29.23
CA PHE B 93 29.24 -9.73 -28.76
C PHE B 93 28.37 -10.84 -28.19
N MET B 94 28.98 -12.00 -28.00
CA MET B 94 28.26 -13.08 -27.35
C MET B 94 28.66 -13.18 -25.89
N LEU B 95 27.67 -13.22 -25.02
CA LEU B 95 27.90 -13.39 -23.60
C LEU B 95 27.60 -14.83 -23.23
N LYS B 96 28.53 -15.48 -22.59
CA LYS B 96 28.31 -16.87 -22.23
C LYS B 96 28.01 -17.03 -20.76
N VAL B 97 26.97 -17.79 -20.45
CA VAL B 97 26.64 -18.10 -19.08
C VAL B 97 26.66 -19.61 -18.88
N HIS B 98 27.50 -20.08 -17.97
CA HIS B 98 27.65 -21.50 -17.74
C HIS B 98 27.43 -21.87 -16.26
N PRO B 99 26.23 -22.29 -15.88
CA PRO B 99 25.87 -22.69 -14.54
C PRO B 99 26.80 -23.78 -14.06
N LEU B 100 27.15 -23.73 -12.79
CA LEU B 100 28.06 -24.69 -12.20
C LEU B 100 27.31 -25.75 -11.44
N LYS B 101 28.01 -26.82 -11.11
CA LYS B 101 27.44 -27.85 -10.26
C LYS B 101 28.03 -27.67 -8.87
N LYS B 102 27.35 -28.22 -7.87
CA LYS B 102 27.90 -28.23 -6.52
C LYS B 102 28.25 -26.84 -5.97
N TYR B 103 27.27 -25.95 -5.96
CA TYR B 103 27.46 -24.60 -5.41
C TYR B 103 27.44 -24.65 -3.89
N PRO B 104 28.13 -23.74 -3.21
CA PRO B 104 27.86 -23.42 -1.84
C PRO B 104 26.46 -22.85 -1.85
N VAL B 105 25.65 -23.18 -0.85
CA VAL B 105 24.28 -22.70 -0.79
C VAL B 105 23.93 -22.12 0.55
N ASP B 106 23.37 -20.92 0.55
CA ASP B 106 22.94 -20.27 1.77
C ASP B 106 21.42 -20.26 1.85
N LEU B 107 20.83 -21.05 2.73
CA LEU B 107 19.38 -21.08 2.81
C LEU B 107 18.87 -20.46 4.09
N TYR B 108 18.15 -19.36 3.94
CA TYR B 108 17.62 -18.65 5.10
C TYR B 108 16.14 -18.90 5.22
N TYR B 109 15.70 -19.36 6.38
CA TYR B 109 14.29 -19.59 6.60
C TYR B 109 13.63 -18.39 7.24
N LEU B 110 12.79 -17.72 6.48
CA LEU B 110 12.06 -16.58 6.96
C LEU B 110 10.63 -17.05 7.17
N VAL B 111 10.22 -17.16 8.41
CA VAL B 111 8.96 -17.82 8.68
C VAL B 111 7.90 -16.95 9.33
N ASP B 112 6.70 -17.05 8.79
CA ASP B 112 5.52 -16.44 9.36
C ASP B 112 5.20 -17.14 10.65
N VAL B 113 5.23 -16.42 11.75
CA VAL B 113 5.00 -17.04 13.05
C VAL B 113 3.74 -16.54 13.72
N SER B 114 2.77 -16.13 12.92
CA SER B 114 1.47 -15.78 13.45
C SER B 114 0.79 -17.08 13.87
N ALA B 115 -0.25 -17.00 14.69
CA ALA B 115 -0.86 -18.19 15.29
C ALA B 115 -1.25 -19.27 14.31
N SER B 116 -1.71 -18.88 13.14
CA SER B 116 -2.18 -19.85 12.15
C SER B 116 -1.09 -20.78 11.61
N MET B 117 0.17 -20.41 11.81
CA MET B 117 1.31 -21.17 11.31
C MET B 117 1.91 -22.19 12.26
N HIS B 118 1.41 -22.31 13.49
CA HIS B 118 2.09 -23.19 14.44
C HIS B 118 2.16 -24.63 13.95
N ASN B 119 1.22 -25.04 13.12
CA ASN B 119 1.18 -26.41 12.62
C ASN B 119 2.36 -26.70 11.67
N ASN B 120 2.85 -25.67 10.98
CA ASN B 120 3.92 -25.88 10.02
C ASN B 120 5.27 -25.72 10.70
N ILE B 121 5.30 -24.84 11.68
CA ILE B 121 6.52 -24.53 12.40
C ILE B 121 7.06 -25.75 13.13
N GLU B 122 6.17 -26.53 13.71
CA GLU B 122 6.60 -27.73 14.43
C GLU B 122 7.30 -28.75 13.53
N LYS B 123 7.16 -28.63 12.21
CA LYS B 123 7.77 -29.59 11.29
C LYS B 123 9.20 -29.18 10.94
N LEU B 124 9.58 -27.96 11.31
CA LEU B 124 10.90 -27.46 10.96
C LEU B 124 11.96 -28.11 11.82
N ASN B 125 11.51 -28.86 12.82
CA ASN B 125 12.39 -29.63 13.69
C ASN B 125 12.96 -30.84 12.96
N SER B 126 12.23 -31.34 11.94
CA SER B 126 12.70 -32.51 11.19
C SER B 126 13.52 -32.09 9.99
N VAL B 127 13.25 -30.88 9.51
CA VAL B 127 13.88 -30.32 8.33
C VAL B 127 15.39 -30.23 8.42
N GLY B 128 15.93 -29.79 9.54
CA GLY B 128 17.37 -29.57 9.63
C GLY B 128 18.19 -30.72 9.02
N ASN B 129 18.21 -31.87 9.68
CA ASN B 129 19.04 -32.96 9.19
C ASN B 129 18.56 -33.60 7.89
N ASP B 130 17.26 -33.68 7.66
CA ASP B 130 16.82 -34.38 6.47
C ASP B 130 17.12 -33.58 5.21
N LEU B 131 16.96 -32.26 5.30
CA LEU B 131 17.22 -31.40 4.17
C LEU B 131 18.71 -31.36 3.88
N SER B 132 19.52 -31.34 4.94
CA SER B 132 20.96 -31.29 4.77
C SER B 132 21.44 -32.49 3.98
N ARG B 133 20.90 -33.67 4.29
CA ARG B 133 21.28 -34.86 3.54
C ARG B 133 20.87 -34.78 2.07
N LYS B 134 19.63 -34.41 1.79
CA LYS B 134 19.17 -34.36 0.40
C LYS B 134 19.97 -33.37 -0.44
N MET B 135 20.32 -32.24 0.16
CA MET B 135 21.06 -31.19 -0.54
C MET B 135 22.49 -31.60 -0.88
N ALA B 136 22.96 -32.70 -0.32
CA ALA B 136 24.33 -33.14 -0.54
C ALA B 136 24.59 -33.45 -2.01
N PHE B 137 23.52 -33.67 -2.76
CA PHE B 137 23.67 -34.01 -4.17
C PHE B 137 23.42 -32.82 -5.07
N PHE B 138 23.12 -31.67 -4.49
CA PHE B 138 22.83 -30.47 -5.25
C PHE B 138 23.81 -29.34 -4.96
N SER B 139 24.45 -29.41 -3.79
CA SER B 139 25.35 -28.38 -3.32
C SER B 139 26.65 -28.96 -2.81
N ARG B 140 27.59 -28.09 -2.52
CA ARG B 140 28.88 -28.45 -1.96
C ARG B 140 28.97 -28.10 -0.49
N ASP B 141 28.35 -26.99 -0.14
CA ASP B 141 28.45 -26.45 1.22
C ASP B 141 27.13 -25.83 1.64
N PHE B 142 26.36 -26.53 2.47
CA PHE B 142 25.01 -26.10 2.80
C PHE B 142 24.85 -25.50 4.19
N ARG B 143 24.46 -24.21 4.24
CA ARG B 143 24.29 -23.49 5.49
C ARG B 143 22.83 -23.12 5.71
N LEU B 144 22.39 -23.15 6.96
CA LEU B 144 21.03 -22.77 7.30
C LEU B 144 20.97 -21.55 8.20
N GLY B 145 19.97 -20.71 7.98
CA GLY B 145 19.73 -19.57 8.85
C GLY B 145 18.26 -19.52 9.21
N PHE B 146 17.88 -18.58 10.07
CA PHE B 146 16.50 -18.51 10.50
C PHE B 146 16.07 -17.15 11.02
N GLY B 147 14.86 -16.75 10.67
CA GLY B 147 14.27 -15.54 11.21
C GLY B 147 12.76 -15.63 11.14
N SER B 148 12.09 -14.63 11.66
CA SER B 148 10.64 -14.69 11.68
C SER B 148 9.99 -13.34 11.57
N TYR B 149 8.73 -13.34 11.17
CA TYR B 149 7.99 -12.11 11.10
C TYR B 149 6.53 -12.32 11.43
N VAL B 150 5.86 -11.24 11.84
CA VAL B 150 4.43 -11.32 12.06
C VAL B 150 3.73 -10.23 11.28
N ASP B 151 3.85 -8.99 11.74
CA ASP B 151 3.12 -7.90 11.13
C ASP B 151 3.67 -6.57 11.64
N LYS B 152 3.11 -5.47 11.18
CA LYS B 152 3.53 -4.19 11.77
C LYS B 152 2.85 -4.02 13.10
N THR B 153 3.61 -3.68 14.13
CA THR B 153 3.06 -3.58 15.48
C THR B 153 2.36 -2.26 15.75
N VAL B 154 1.35 -1.98 14.96
CA VAL B 154 0.53 -0.79 15.08
C VAL B 154 -0.95 -1.12 14.92
N SER B 155 -1.80 -0.25 15.44
CA SER B 155 -3.22 -0.38 15.17
C SER B 155 -3.41 -0.08 13.69
N PRO B 156 -4.35 -0.72 13.00
CA PRO B 156 -5.31 -1.73 13.40
C PRO B 156 -4.83 -3.16 13.22
N TYR B 157 -3.53 -3.36 13.05
CA TYR B 157 -3.05 -4.68 12.69
C TYR B 157 -2.95 -5.58 13.90
N ILE B 158 -2.64 -4.95 15.03
CA ILE B 158 -2.58 -5.63 16.31
C ILE B 158 -3.46 -4.96 17.34
N SER B 159 -3.73 -5.66 18.43
CA SER B 159 -4.42 -5.05 19.56
C SER B 159 -3.49 -4.10 20.26
N ILE B 160 -4.03 -2.97 20.70
CA ILE B 160 -3.22 -2.02 21.46
C ILE B 160 -3.71 -1.91 22.90
N HIS B 161 -4.59 -2.82 23.28
CA HIS B 161 -5.11 -2.87 24.63
C HIS B 161 -3.95 -3.17 25.59
N PRO B 162 -3.74 -2.40 26.67
CA PRO B 162 -2.66 -2.57 27.63
C PRO B 162 -2.51 -3.98 28.20
N GLU B 163 -3.60 -4.72 28.32
CA GLU B 163 -3.51 -6.07 28.88
C GLU B 163 -3.25 -7.13 27.83
N ARG B 164 -3.33 -6.75 26.56
CA ARG B 164 -3.16 -7.69 25.46
C ARG B 164 -2.15 -7.23 24.44
N ILE B 165 -1.25 -6.34 24.84
CA ILE B 165 -0.21 -5.89 23.92
C ILE B 165 0.88 -6.94 23.80
N HIS B 166 1.19 -7.59 24.92
CA HIS B 166 2.25 -8.58 24.99
C HIS B 166 1.79 -9.94 24.50
N ASN B 167 0.49 -10.19 24.64
CA ASN B 167 -0.07 -11.48 24.27
C ASN B 167 -1.29 -11.24 23.40
N GLN B 168 -1.07 -11.14 22.10
CA GLN B 168 -2.12 -10.79 21.15
C GLN B 168 -3.28 -11.80 21.08
N CYS B 169 -2.98 -13.09 21.29
CA CYS B 169 -3.95 -14.17 21.26
C CYS B 169 -4.82 -14.18 22.52
N SER B 170 -6.07 -14.65 22.39
CA SER B 170 -7.02 -14.79 23.50
C SER B 170 -7.27 -16.23 23.85
N ASP B 171 -6.53 -17.14 23.22
CA ASP B 171 -6.67 -18.55 23.48
C ASP B 171 -5.84 -18.90 24.71
N TYR B 172 -6.51 -19.21 25.81
CA TYR B 172 -5.81 -19.40 27.07
C TYR B 172 -4.94 -20.64 27.14
N ASN B 173 -4.92 -21.44 26.08
CA ASN B 173 -4.04 -22.58 26.05
C ASN B 173 -2.70 -22.22 25.43
N LEU B 174 -2.58 -20.99 24.92
CA LEU B 174 -1.36 -20.59 24.25
C LEU B 174 -0.69 -19.39 24.89
N ASP B 175 0.49 -19.61 25.44
CA ASP B 175 1.28 -18.51 25.96
C ASP B 175 2.08 -17.88 24.84
N CYS B 176 1.36 -17.19 23.94
CA CYS B 176 1.91 -16.63 22.71
C CYS B 176 2.88 -15.46 22.94
N MET B 177 3.77 -15.28 21.97
CA MET B 177 4.84 -14.29 21.91
C MET B 177 4.29 -12.92 21.52
N PRO B 178 4.88 -11.81 22.00
CA PRO B 178 4.60 -10.46 21.56
C PRO B 178 4.81 -10.39 20.05
N PRO B 179 4.04 -9.56 19.35
CA PRO B 179 4.10 -9.36 17.92
C PRO B 179 5.33 -8.58 17.57
N HIS B 180 5.80 -8.76 16.36
CA HIS B 180 6.93 -8.01 15.86
C HIS B 180 6.92 -7.96 14.34
N GLY B 181 7.65 -7.01 13.80
CA GLY B 181 7.77 -6.92 12.36
C GLY B 181 8.69 -8.02 11.89
N TYR B 182 9.98 -7.78 12.01
CA TYR B 182 10.96 -8.78 11.63
C TYR B 182 12.06 -8.93 12.66
N ILE B 183 12.31 -10.18 13.03
CA ILE B 183 13.39 -10.52 13.92
C ILE B 183 14.30 -11.58 13.32
N HIS B 184 15.58 -11.30 13.36
CA HIS B 184 16.59 -12.24 12.92
C HIS B 184 16.93 -13.12 14.11
N VAL B 185 16.92 -14.43 13.92
CA VAL B 185 17.14 -15.33 15.04
C VAL B 185 18.49 -16.02 14.97
N LEU B 186 18.81 -16.57 13.81
CA LEU B 186 20.03 -17.30 13.62
C LEU B 186 20.76 -16.92 12.35
N SER B 187 22.02 -16.52 12.49
CA SER B 187 22.85 -16.18 11.36
C SER B 187 23.14 -17.44 10.58
N LEU B 188 23.35 -17.32 9.28
CA LEU B 188 23.61 -18.50 8.48
C LEU B 188 24.78 -19.28 9.07
N THR B 189 24.58 -20.58 9.27
CA THR B 189 25.59 -21.44 9.89
C THR B 189 25.66 -22.83 9.30
N GLU B 190 26.84 -23.42 9.36
CA GLU B 190 27.09 -24.80 8.94
C GLU B 190 26.51 -25.86 9.91
N ASN B 191 26.18 -25.42 11.14
CA ASN B 191 25.71 -26.27 12.23
C ASN B 191 24.20 -26.52 12.13
N ILE B 192 23.82 -27.76 11.79
CA ILE B 192 22.43 -28.18 11.62
C ILE B 192 21.73 -28.24 12.97
N THR B 193 22.43 -28.73 13.98
CA THR B 193 21.86 -28.84 15.31
C THR B 193 21.45 -27.47 15.81
N GLU B 194 22.29 -26.46 15.58
CA GLU B 194 21.99 -25.11 16.03
C GLU B 194 20.72 -24.60 15.37
N PHE B 195 20.56 -24.89 14.07
CA PHE B 195 19.33 -24.51 13.38
C PHE B 195 18.13 -25.14 14.04
N GLU B 196 18.19 -26.44 14.27
CA GLU B 196 17.07 -27.14 14.86
C GLU B 196 16.76 -26.60 16.24
N LYS B 197 17.79 -26.26 17.01
CA LYS B 197 17.60 -25.69 18.33
C LYS B 197 16.86 -24.36 18.25
N ALA B 198 17.30 -23.48 17.35
CA ALA B 198 16.68 -22.16 17.18
C ALA B 198 15.22 -22.31 16.81
N VAL B 199 14.91 -23.31 16.00
CA VAL B 199 13.53 -23.58 15.61
C VAL B 199 12.70 -24.12 16.76
N HIS B 200 13.26 -25.07 17.49
CA HIS B 200 12.57 -25.72 18.60
C HIS B 200 12.07 -24.71 19.62
N ARG B 201 12.89 -23.72 19.91
CA ARG B 201 12.55 -22.70 20.90
C ARG B 201 11.77 -21.53 20.31
N GLN B 202 11.35 -21.63 19.06
CA GLN B 202 10.56 -20.56 18.46
C GLN B 202 9.14 -20.61 18.96
N LYS B 203 8.68 -19.50 19.50
CA LYS B 203 7.32 -19.39 20.01
C LYS B 203 6.41 -18.77 18.95
N ILE B 204 5.12 -19.06 19.03
CA ILE B 204 4.15 -18.53 18.10
C ILE B 204 3.55 -17.23 18.64
N SER B 205 3.31 -16.25 17.77
CA SER B 205 2.70 -14.98 18.14
C SER B 205 1.26 -14.88 17.64
N GLY B 206 0.88 -13.70 17.16
CA GLY B 206 -0.46 -13.48 16.64
C GLY B 206 -0.71 -12.01 16.33
N ASN B 207 -1.78 -11.75 15.61
CA ASN B 207 -2.19 -10.40 15.23
C ASN B 207 -3.67 -10.45 14.89
N ILE B 208 -4.27 -9.33 14.47
CA ILE B 208 -5.69 -9.32 14.20
C ILE B 208 -6.06 -9.47 12.73
N ASP B 209 -5.41 -8.70 11.85
CA ASP B 209 -5.80 -8.74 10.44
C ASP B 209 -5.18 -9.93 9.73
N THR B 210 -5.92 -10.52 8.79
CA THR B 210 -5.46 -11.71 8.11
C THR B 210 -4.09 -11.61 7.41
N PRO B 211 -3.81 -10.59 6.58
CA PRO B 211 -2.59 -10.45 5.81
C PRO B 211 -1.41 -10.27 6.75
N GLU B 212 -0.22 -10.64 6.29
CA GLU B 212 0.98 -10.56 7.14
C GLU B 212 2.06 -9.64 6.53
N GLY B 213 2.99 -9.18 7.36
CA GLY B 213 4.06 -8.28 6.91
C GLY B 213 5.24 -9.00 6.25
N GLY B 214 4.93 -9.85 5.29
CA GLY B 214 5.91 -10.68 4.61
C GLY B 214 6.92 -9.90 3.77
N PHE B 215 6.43 -8.99 2.96
CA PHE B 215 7.32 -8.29 2.03
C PHE B 215 8.28 -7.36 2.75
N ASP B 216 7.85 -6.83 3.89
CA ASP B 216 8.71 -5.92 4.63
C ASP B 216 9.85 -6.73 5.24
N ALA B 217 9.52 -7.88 5.81
CA ALA B 217 10.55 -8.73 6.38
C ALA B 217 11.51 -9.22 5.31
N MET B 218 11.00 -9.54 4.12
CA MET B 218 11.86 -10.02 3.05
C MET B 218 12.88 -9.00 2.66
N LEU B 219 12.47 -7.75 2.53
CA LEU B 219 13.43 -6.74 2.13
C LEU B 219 14.56 -6.67 3.14
N GLN B 220 14.24 -6.64 4.43
CA GLN B 220 15.31 -6.54 5.42
C GLN B 220 16.21 -7.76 5.39
N ALA B 221 15.61 -8.94 5.26
CA ALA B 221 16.41 -10.16 5.19
C ALA B 221 17.36 -10.14 4.00
N ALA B 222 16.89 -9.57 2.89
CA ALA B 222 17.70 -9.52 1.68
C ALA B 222 18.79 -8.46 1.72
N VAL B 223 18.46 -7.30 2.29
CA VAL B 223 19.37 -6.16 2.33
C VAL B 223 20.46 -6.20 3.41
N CYS B 224 20.10 -6.61 4.64
CA CYS B 224 20.99 -6.60 5.80
C CYS B 224 22.01 -7.77 5.73
N GLU B 225 22.85 -7.74 4.70
CA GLU B 225 23.85 -8.77 4.41
C GLU B 225 24.86 -9.01 5.51
N SER B 226 25.26 -7.94 6.18
CA SER B 226 26.24 -7.99 7.25
C SER B 226 25.69 -8.65 8.52
N HIS B 227 24.37 -8.79 8.62
CA HIS B 227 23.76 -9.39 9.79
C HIS B 227 23.40 -10.83 9.52
N ILE B 228 22.88 -11.09 8.32
CA ILE B 228 22.46 -12.43 7.95
C ILE B 228 23.69 -13.30 7.75
N GLY B 229 24.72 -12.73 7.14
CA GLY B 229 25.94 -13.46 6.84
C GLY B 229 25.84 -14.15 5.50
N TRP B 230 25.26 -13.46 4.52
CA TRP B 230 25.16 -14.07 3.20
C TRP B 230 26.56 -14.10 2.60
N ARG B 231 26.93 -15.20 1.97
CA ARG B 231 28.21 -15.28 1.30
C ARG B 231 28.11 -14.85 -0.13
N LYS B 232 29.15 -14.21 -0.64
CA LYS B 232 29.18 -13.90 -2.05
C LYS B 232 29.37 -15.19 -2.81
N GLU B 233 30.21 -16.06 -2.27
CA GLU B 233 30.51 -17.33 -2.89
C GLU B 233 29.47 -18.36 -2.54
N ALA B 234 28.22 -18.09 -2.91
CA ALA B 234 27.13 -19.01 -2.63
C ALA B 234 25.92 -18.68 -3.47
N LYS B 235 25.07 -19.67 -3.64
CA LYS B 235 23.78 -19.44 -4.24
C LYS B 235 22.88 -19.01 -3.11
N ARG B 236 22.40 -17.78 -3.14
CA ARG B 236 21.64 -17.25 -2.03
C ARG B 236 20.16 -17.55 -2.17
N LEU B 237 19.60 -18.26 -1.18
CA LEU B 237 18.19 -18.63 -1.22
C LEU B 237 17.43 -18.09 -0.03
N LEU B 238 16.39 -17.32 -0.31
CA LEU B 238 15.52 -16.81 0.73
C LEU B 238 14.18 -17.52 0.66
N LEU B 239 13.92 -18.34 1.66
CA LEU B 239 12.70 -19.15 1.70
C LEU B 239 11.68 -18.54 2.61
N VAL B 240 10.50 -18.24 2.07
CA VAL B 240 9.47 -17.58 2.84
C VAL B 240 8.28 -18.50 3.08
N MET B 241 8.00 -18.78 4.35
CA MET B 241 6.87 -19.66 4.68
C MET B 241 5.67 -18.92 5.20
N THR B 242 4.52 -19.20 4.62
CA THR B 242 3.28 -18.58 5.07
C THR B 242 2.05 -19.39 4.65
N ASP B 243 0.89 -18.78 4.81
CA ASP B 243 -0.38 -19.40 4.48
C ASP B 243 -1.33 -18.32 4.00
N GLN B 244 -0.99 -17.10 4.36
CA GLN B 244 -1.78 -15.92 3.99
C GLN B 244 -1.01 -15.00 3.07
N THR B 245 -1.74 -14.09 2.44
CA THR B 245 -1.14 -13.11 1.54
C THR B 245 -0.44 -12.03 2.34
N SER B 246 0.36 -11.24 1.67
CA SER B 246 1.08 -10.17 2.33
C SER B 246 0.47 -8.80 2.09
N HIS B 247 0.78 -7.88 2.99
CA HIS B 247 0.40 -6.48 2.86
C HIS B 247 1.16 -5.78 1.76
N LEU B 248 0.52 -4.78 1.18
CA LEU B 248 1.13 -3.96 0.14
C LEU B 248 1.55 -2.61 0.69
N ALA B 249 2.38 -1.90 -0.05
CA ALA B 249 2.92 -0.63 0.42
C ALA B 249 1.87 0.38 0.81
N LEU B 250 0.77 0.43 0.10
CA LEU B 250 -0.21 1.46 0.38
C LEU B 250 -1.26 1.05 1.41
N ASP B 251 -1.18 -0.19 1.88
CA ASP B 251 -2.15 -0.68 2.86
C ASP B 251 -1.85 -0.02 4.20
N SER B 252 -0.61 0.40 4.36
CA SER B 252 -0.11 0.97 5.60
C SER B 252 -0.76 2.30 5.93
N LYS B 253 -1.43 2.93 4.95
CA LYS B 253 -2.08 4.20 5.20
C LYS B 253 -3.08 4.05 6.34
N LEU B 254 -3.67 2.86 6.47
CA LEU B 254 -4.68 2.60 7.48
C LEU B 254 -4.12 2.75 8.89
N ALA B 255 -2.83 2.50 9.05
CA ALA B 255 -2.19 2.58 10.35
C ALA B 255 -1.62 3.97 10.59
N GLY B 256 -1.80 4.87 9.63
CA GLY B 256 -1.25 6.20 9.76
C GLY B 256 0.22 6.25 9.32
N ILE B 257 0.64 5.29 8.51
CA ILE B 257 2.00 5.30 8.04
C ILE B 257 2.03 5.81 6.61
N VAL B 258 2.64 6.98 6.42
CA VAL B 258 2.60 7.63 5.12
C VAL B 258 4.00 7.93 4.60
N VAL B 259 4.98 7.24 5.12
CA VAL B 259 6.37 7.42 4.74
C VAL B 259 6.88 6.19 3.99
N PRO B 260 7.38 6.35 2.75
CA PRO B 260 7.80 5.27 1.88
C PRO B 260 9.00 4.55 2.44
N ASN B 261 9.11 3.28 2.13
CA ASN B 261 10.22 2.46 2.56
C ASN B 261 11.46 2.92 1.81
N ASP B 262 12.55 3.23 2.51
CA ASP B 262 13.72 3.74 1.81
C ASP B 262 14.62 2.64 1.27
N GLY B 263 14.28 1.39 1.53
CA GLY B 263 15.03 0.26 1.01
C GLY B 263 16.34 -0.02 1.76
N ASN B 264 16.55 0.65 2.90
CA ASN B 264 17.80 0.45 3.61
C ASN B 264 17.69 -0.64 4.69
N CYS B 265 18.81 -0.96 5.35
CA CYS B 265 18.89 -1.92 6.46
C CYS B 265 18.68 -1.18 7.78
N HIS B 266 17.73 -1.64 8.59
CA HIS B 266 17.40 -1.02 9.88
C HIS B 266 17.31 -2.04 11.01
N LEU B 267 18.38 -2.78 11.23
CA LEU B 267 18.37 -3.72 12.35
C LEU B 267 19.24 -3.22 13.47
N LYS B 268 18.76 -3.41 14.69
CA LYS B 268 19.52 -3.08 15.88
C LYS B 268 19.99 -4.39 16.50
N ASN B 269 19.37 -4.79 17.61
CA ASN B 269 19.73 -6.07 18.20
C ASN B 269 18.97 -7.18 17.49
N ASN B 270 19.31 -7.36 16.21
CA ASN B 270 18.69 -8.33 15.33
C ASN B 270 17.20 -8.06 15.12
N VAL B 271 16.76 -6.87 15.45
CA VAL B 271 15.36 -6.51 15.33
C VAL B 271 15.16 -5.31 14.44
N TYR B 272 14.14 -5.39 13.60
CA TYR B 272 13.78 -4.32 12.70
C TYR B 272 13.03 -3.24 13.46
N VAL B 273 13.58 -2.02 13.46
CA VAL B 273 13.03 -0.96 14.30
C VAL B 273 12.32 0.17 13.56
N LYS B 274 12.24 0.09 12.26
CA LYS B 274 11.50 1.08 11.48
C LYS B 274 10.18 0.50 11.04
N SER B 275 9.87 -0.66 11.58
CA SER B 275 8.68 -1.40 11.18
C SER B 275 7.40 -0.63 11.46
N THR B 276 7.42 0.28 12.43
CA THR B 276 6.24 1.04 12.76
C THR B 276 6.22 2.45 12.16
N THR B 277 7.27 2.84 11.43
CA THR B 277 7.29 4.18 10.87
C THR B 277 7.34 4.18 9.36
N MET B 278 7.88 3.12 8.77
CA MET B 278 7.95 3.00 7.32
C MET B 278 6.90 2.04 6.83
N GLU B 279 6.36 2.30 5.66
CA GLU B 279 5.36 1.41 5.09
C GLU B 279 6.01 0.16 4.50
N HIS B 280 5.16 -0.75 4.01
CA HIS B 280 5.65 -1.98 3.40
C HIS B 280 6.26 -1.59 2.08
N PRO B 281 7.27 -2.28 1.58
CA PRO B 281 7.87 -2.03 0.29
C PRO B 281 6.91 -2.45 -0.80
N SER B 282 7.01 -1.80 -1.94
CA SER B 282 6.22 -2.18 -3.10
C SER B 282 6.86 -3.38 -3.77
N LEU B 283 6.17 -4.01 -4.72
CA LEU B 283 6.79 -5.13 -5.42
C LEU B 283 7.96 -4.63 -6.24
N GLY B 284 7.86 -3.40 -6.73
CA GLY B 284 8.94 -2.80 -7.50
C GLY B 284 10.20 -2.71 -6.65
N GLN B 285 10.06 -2.17 -5.44
CA GLN B 285 11.20 -2.03 -4.55
C GLN B 285 11.74 -3.38 -4.13
N LEU B 286 10.84 -4.32 -3.92
CA LEU B 286 11.23 -5.63 -3.44
C LEU B 286 12.03 -6.37 -4.50
N SER B 287 11.57 -6.36 -5.75
CA SER B 287 12.29 -7.08 -6.78
C SER B 287 13.62 -6.42 -7.05
N GLU B 288 13.66 -5.11 -6.93
CA GLU B 288 14.89 -4.38 -7.17
C GLU B 288 15.95 -4.81 -6.18
N LYS B 289 15.60 -4.89 -4.90
CA LYS B 289 16.55 -5.28 -3.89
C LYS B 289 16.92 -6.75 -3.95
N LEU B 290 15.96 -7.60 -4.27
CA LEU B 290 16.27 -9.01 -4.35
C LEU B 290 17.23 -9.29 -5.48
N ILE B 291 17.04 -8.63 -6.61
CA ILE B 291 17.94 -8.86 -7.73
C ILE B 291 19.29 -8.25 -7.44
N ASP B 292 19.31 -7.05 -6.89
CA ASP B 292 20.57 -6.35 -6.61
C ASP B 292 21.45 -7.13 -5.64
N ASN B 293 20.84 -7.82 -4.69
CA ASN B 293 21.60 -8.59 -3.71
C ASN B 293 21.75 -10.06 -4.11
N ASN B 294 21.39 -10.37 -5.35
CA ASN B 294 21.52 -11.70 -5.91
C ASN B 294 20.81 -12.78 -5.09
N ILE B 295 19.62 -12.47 -4.60
CA ILE B 295 18.87 -13.43 -3.82
C ILE B 295 17.71 -14.03 -4.54
N ASN B 296 17.70 -15.35 -4.62
CA ASN B 296 16.65 -16.10 -5.25
C ASN B 296 15.58 -16.32 -4.19
N VAL B 297 14.33 -16.21 -4.56
CA VAL B 297 13.28 -16.38 -3.55
C VAL B 297 12.39 -17.57 -3.81
N ILE B 298 12.16 -18.32 -2.76
CA ILE B 298 11.28 -19.47 -2.80
C ILE B 298 10.10 -19.23 -1.88
N PHE B 299 8.89 -19.27 -2.40
CA PHE B 299 7.73 -19.14 -1.54
C PHE B 299 7.15 -20.51 -1.24
N ALA B 300 6.87 -20.75 0.03
CA ALA B 300 6.24 -21.99 0.45
C ALA B 300 4.92 -21.67 1.11
N VAL B 301 3.83 -21.92 0.42
CA VAL B 301 2.53 -21.50 0.95
C VAL B 301 1.58 -22.65 1.14
N GLN B 302 1.03 -22.77 2.34
CA GLN B 302 0.14 -23.89 2.67
C GLN B 302 -1.31 -23.70 2.27
N GLY B 303 -1.79 -22.48 2.27
CA GLY B 303 -3.21 -22.25 2.07
C GLY B 303 -3.59 -22.11 0.60
N LYS B 304 -4.84 -21.73 0.37
CA LYS B 304 -5.36 -21.52 -0.97
C LYS B 304 -4.71 -20.30 -1.58
N GLN B 305 -4.09 -19.51 -0.71
CA GLN B 305 -3.44 -18.27 -1.08
C GLN B 305 -2.19 -18.54 -1.88
N PHE B 306 -1.79 -19.81 -1.95
CA PHE B 306 -0.68 -20.18 -2.80
C PHE B 306 -0.83 -19.58 -4.17
N HIS B 307 -2.04 -19.60 -4.70
CA HIS B 307 -2.25 -19.12 -6.05
C HIS B 307 -2.01 -17.62 -6.13
N TRP B 308 -2.23 -16.91 -5.04
CA TRP B 308 -1.98 -15.48 -5.03
C TRP B 308 -0.50 -15.25 -5.23
N TYR B 309 0.31 -16.01 -4.51
CA TYR B 309 1.76 -15.88 -4.63
C TYR B 309 2.23 -16.36 -6.00
N LYS B 310 1.66 -17.44 -6.49
CA LYS B 310 2.05 -17.97 -7.79
C LYS B 310 1.87 -16.93 -8.89
N ASP B 311 0.77 -16.20 -8.83
CA ASP B 311 0.47 -15.27 -9.89
C ASP B 311 1.23 -13.96 -9.79
N LEU B 312 2.06 -13.82 -8.75
CA LEU B 312 2.92 -12.66 -8.63
C LEU B 312 4.29 -12.97 -9.16
N LEU B 313 4.52 -14.22 -9.53
CA LEU B 313 5.86 -14.60 -9.95
C LEU B 313 6.31 -13.82 -11.18
N PRO B 314 5.46 -13.55 -12.19
CA PRO B 314 5.80 -12.78 -13.37
C PRO B 314 6.22 -11.35 -13.04
N LEU B 315 5.90 -10.88 -11.85
CA LEU B 315 6.24 -9.53 -11.46
C LEU B 315 7.52 -9.48 -10.62
N LEU B 316 8.05 -10.65 -10.29
CA LEU B 316 9.20 -10.76 -9.40
C LEU B 316 10.24 -11.72 -9.95
N PRO B 317 11.04 -11.32 -10.93
CA PRO B 317 11.98 -12.18 -11.63
C PRO B 317 12.91 -12.84 -10.62
N GLY B 318 13.24 -14.11 -10.87
CA GLY B 318 14.10 -14.87 -9.96
C GLY B 318 13.33 -15.44 -8.76
N THR B 319 12.02 -15.59 -8.91
CA THR B 319 11.20 -16.10 -7.82
C THR B 319 10.47 -17.36 -8.25
N ILE B 320 10.38 -18.31 -7.34
CA ILE B 320 9.65 -19.54 -7.55
C ILE B 320 8.70 -19.79 -6.38
N ALA B 321 7.62 -20.51 -6.61
CA ALA B 321 6.71 -20.81 -5.51
C ALA B 321 6.18 -22.22 -5.61
N GLY B 322 5.98 -22.85 -4.45
CA GLY B 322 5.36 -24.17 -4.40
C GLY B 322 4.35 -24.25 -3.27
N GLU B 323 3.70 -25.39 -3.13
CA GLU B 323 2.69 -25.57 -2.10
C GLU B 323 3.18 -26.40 -0.95
N ILE B 324 2.77 -26.04 0.24
CA ILE B 324 2.96 -26.89 1.39
C ILE B 324 1.73 -27.77 1.52
N GLU B 325 1.93 -29.06 1.70
CA GLU B 325 0.82 -29.98 1.81
C GLU B 325 0.07 -29.74 3.11
N SER B 326 -1.17 -30.19 3.19
CA SER B 326 -1.97 -29.94 4.38
C SER B 326 -1.35 -30.57 5.63
N LYS B 327 -0.56 -31.62 5.46
CA LYS B 327 0.12 -32.27 6.56
C LYS B 327 1.51 -31.68 6.78
N ALA B 328 1.89 -30.76 5.92
CA ALA B 328 3.21 -30.12 5.93
C ALA B 328 4.32 -31.17 5.95
N ALA B 329 4.15 -32.23 5.17
CA ALA B 329 5.11 -33.31 5.11
C ALA B 329 6.12 -33.16 3.99
N ASN B 330 5.98 -32.11 3.19
CA ASN B 330 6.83 -31.93 2.02
C ASN B 330 7.72 -30.71 2.10
N LEU B 331 8.11 -30.28 3.28
CA LEU B 331 8.91 -29.06 3.38
C LEU B 331 10.27 -29.24 2.73
N ASN B 332 10.85 -30.43 2.84
CA ASN B 332 12.17 -30.65 2.28
C ASN B 332 12.10 -30.87 0.80
N ASN B 333 11.01 -31.49 0.35
CA ASN B 333 10.87 -31.76 -1.06
C ASN B 333 10.62 -30.46 -1.79
N LEU B 334 9.93 -29.54 -1.12
CA LEU B 334 9.65 -28.24 -1.71
C LEU B 334 10.96 -27.50 -1.93
N VAL B 335 11.82 -27.48 -0.92
CA VAL B 335 13.08 -26.76 -1.07
C VAL B 335 13.98 -27.37 -2.11
N VAL B 336 14.10 -28.69 -2.12
CA VAL B 336 14.97 -29.34 -3.09
C VAL B 336 14.44 -29.17 -4.49
N GLU B 337 13.13 -29.34 -4.68
CA GLU B 337 12.57 -29.20 -6.00
C GLU B 337 12.70 -27.77 -6.47
N ALA B 338 12.41 -26.81 -5.59
CA ALA B 338 12.52 -25.42 -5.96
C ALA B 338 13.95 -25.07 -6.33
N TYR B 339 14.92 -25.63 -5.60
CA TYR B 339 16.32 -25.37 -5.90
C TYR B 339 16.66 -25.89 -7.28
N GLN B 340 16.25 -27.13 -7.56
CA GLN B 340 16.55 -27.73 -8.84
C GLN B 340 15.88 -26.99 -9.98
N LYS B 341 14.70 -26.44 -9.73
CA LYS B 341 14.05 -25.70 -10.78
C LYS B 341 14.76 -24.36 -11.03
N LEU B 342 15.16 -23.67 -9.96
CA LEU B 342 15.81 -22.37 -10.11
C LEU B 342 17.15 -22.47 -10.83
N ILE B 343 17.92 -23.49 -10.50
CA ILE B 343 19.23 -23.68 -11.09
C ILE B 343 19.15 -24.05 -12.57
N SER B 344 17.96 -24.43 -13.04
CA SER B 344 17.77 -24.87 -14.40
C SER B 344 17.26 -23.77 -15.30
N GLU B 345 17.09 -22.57 -14.75
CA GLU B 345 16.59 -21.46 -15.54
C GLU B 345 17.58 -20.32 -15.58
N VAL B 346 17.97 -19.90 -16.78
CA VAL B 346 18.93 -18.82 -16.91
C VAL B 346 18.37 -17.67 -17.72
N LYS B 347 18.28 -16.51 -17.08
CA LYS B 347 17.78 -15.32 -17.73
C LYS B 347 18.58 -14.11 -17.30
N VAL B 348 18.72 -13.13 -18.17
CA VAL B 348 19.50 -11.95 -17.85
C VAL B 348 18.72 -10.68 -18.01
N GLN B 349 19.20 -9.64 -17.34
CA GLN B 349 18.65 -8.31 -17.49
C GLN B 349 19.78 -7.32 -17.52
N VAL B 350 19.55 -6.16 -18.12
CA VAL B 350 20.60 -5.16 -18.16
C VAL B 350 20.22 -3.88 -17.44
N GLU B 351 21.13 -3.43 -16.59
CA GLU B 351 20.97 -2.18 -15.88
C GLU B 351 21.67 -1.09 -16.67
N ASN B 352 20.89 -0.31 -17.38
CA ASN B 352 21.45 0.68 -18.28
C ASN B 352 21.23 2.11 -17.82
N GLN B 353 22.27 2.70 -17.26
CA GLN B 353 22.21 4.07 -16.77
C GLN B 353 22.90 5.02 -17.73
N VAL B 354 23.26 4.53 -18.90
CA VAL B 354 23.99 5.34 -19.86
C VAL B 354 23.03 5.98 -20.84
N GLN B 355 22.95 7.30 -20.83
CA GLN B 355 21.97 7.98 -21.65
C GLN B 355 22.33 7.93 -23.11
N GLY B 356 21.32 7.60 -23.94
CA GLY B 356 21.49 7.54 -25.38
C GLY B 356 21.79 6.12 -25.89
N ILE B 357 21.95 5.18 -24.96
CA ILE B 357 22.26 3.79 -25.30
C ILE B 357 21.10 2.84 -25.08
N TYR B 358 20.87 1.99 -26.07
CA TYR B 358 19.84 0.97 -26.01
C TYR B 358 20.43 -0.42 -26.21
N PHE B 359 19.82 -1.41 -25.58
CA PHE B 359 20.24 -2.79 -25.70
C PHE B 359 19.13 -3.70 -26.23
N ASN B 360 19.51 -4.71 -27.02
CA ASN B 360 18.62 -5.79 -27.46
C ASN B 360 19.33 -7.13 -27.31
N ILE B 361 18.88 -7.95 -26.34
CA ILE B 361 19.51 -9.22 -25.98
C ILE B 361 18.62 -10.38 -26.33
N THR B 362 19.14 -11.36 -27.08
CA THR B 362 18.39 -12.57 -27.39
C THR B 362 19.09 -13.81 -26.85
N ALA B 363 18.37 -14.63 -26.08
CA ALA B 363 18.97 -15.84 -25.55
C ALA B 363 18.92 -16.94 -26.60
N ILE B 364 20.01 -17.67 -26.71
CA ILE B 364 20.07 -18.83 -27.60
C ILE B 364 20.19 -20.07 -26.72
N CYS B 365 19.15 -20.90 -26.77
CA CYS B 365 19.00 -22.05 -25.88
C CYS B 365 19.67 -23.29 -26.48
N PRO B 366 20.01 -24.34 -25.66
CA PRO B 366 20.63 -25.59 -26.05
C PRO B 366 19.90 -26.34 -27.17
N ASP B 367 18.60 -26.12 -27.32
CA ASP B 367 17.83 -26.79 -28.36
C ASP B 367 17.74 -25.96 -29.64
N GLY B 368 18.45 -24.84 -29.68
CA GLY B 368 18.46 -23.97 -30.85
C GLY B 368 17.36 -22.92 -30.84
N SER B 369 16.46 -22.98 -29.87
CA SER B 369 15.38 -22.01 -29.84
C SER B 369 15.91 -20.67 -29.39
N ARG B 370 15.15 -19.62 -29.67
CA ARG B 370 15.53 -18.28 -29.24
C ARG B 370 14.47 -17.69 -28.34
N LYS B 371 14.92 -17.03 -27.28
CA LYS B 371 14.03 -16.40 -26.32
C LYS B 371 14.55 -15.00 -25.98
N PRO B 372 13.81 -13.95 -26.29
CA PRO B 372 14.21 -12.56 -26.19
C PRO B 372 14.29 -12.06 -24.77
N GLY B 373 15.14 -11.06 -24.57
CA GLY B 373 15.21 -10.30 -23.34
C GLY B 373 15.50 -11.16 -22.13
N MET B 374 14.70 -10.95 -21.10
CA MET B 374 14.87 -11.69 -19.87
C MET B 374 13.94 -12.89 -19.78
N GLU B 375 13.46 -13.36 -20.92
CA GLU B 375 12.67 -14.59 -20.92
C GLU B 375 13.58 -15.75 -20.56
N GLY B 376 14.79 -15.73 -21.13
CA GLY B 376 15.82 -16.73 -20.84
C GLY B 376 15.52 -18.11 -21.38
N CYS B 377 16.32 -19.10 -20.92
CA CYS B 377 16.24 -20.50 -21.31
C CYS B 377 15.86 -21.39 -20.12
N ARG B 378 15.11 -22.46 -20.41
CA ARG B 378 14.62 -23.44 -19.43
C ARG B 378 15.15 -24.84 -19.73
N ASN B 379 15.08 -25.75 -18.73
CA ASN B 379 15.58 -27.13 -18.79
C ASN B 379 17.10 -27.14 -19.10
N VAL B 380 17.84 -26.22 -18.44
CA VAL B 380 19.29 -26.05 -18.55
C VAL B 380 20.00 -26.84 -17.47
N THR B 381 21.07 -27.53 -17.84
CA THR B 381 21.79 -28.36 -16.87
C THR B 381 23.22 -27.88 -16.68
N SER B 382 23.99 -28.60 -15.89
CA SER B 382 25.41 -28.28 -15.77
C SER B 382 26.04 -28.78 -17.07
N ASN B 383 27.28 -28.37 -17.34
CA ASN B 383 27.95 -28.77 -18.57
C ASN B 383 27.06 -28.42 -19.77
N ASP B 384 26.43 -27.26 -19.69
CA ASP B 384 25.49 -26.80 -20.68
C ASP B 384 25.55 -25.28 -20.75
N GLU B 385 26.11 -24.74 -21.82
CA GLU B 385 26.28 -23.30 -21.90
C GLU B 385 25.10 -22.63 -22.60
N VAL B 386 24.72 -21.46 -22.09
CA VAL B 386 23.65 -20.67 -22.71
C VAL B 386 24.27 -19.41 -23.30
N LEU B 387 23.93 -19.09 -24.54
CA LEU B 387 24.52 -17.92 -25.14
C LEU B 387 23.56 -16.77 -25.16
N PHE B 388 24.05 -15.58 -24.90
CA PHE B 388 23.24 -14.39 -25.03
C PHE B 388 23.82 -13.46 -26.08
N ASN B 389 23.03 -13.19 -27.13
CA ASN B 389 23.43 -12.35 -28.25
C ASN B 389 23.10 -10.90 -27.91
N VAL B 390 24.14 -10.11 -27.56
CA VAL B 390 23.97 -8.74 -27.04
C VAL B 390 24.35 -7.68 -28.03
N THR B 391 23.38 -6.89 -28.46
CA THR B 391 23.66 -5.80 -29.38
C THR B 391 23.45 -4.48 -28.68
N VAL B 392 24.45 -3.62 -28.79
CA VAL B 392 24.39 -2.32 -28.15
C VAL B 392 24.37 -1.25 -29.23
N THR B 393 23.40 -0.36 -29.16
CA THR B 393 23.31 0.70 -30.16
C THR B 393 23.16 2.06 -29.55
N MET B 394 23.74 3.04 -30.22
CA MET B 394 23.65 4.42 -29.77
C MET B 394 22.69 5.20 -30.65
N LYS B 395 21.74 5.88 -30.02
CA LYS B 395 20.77 6.64 -30.79
C LYS B 395 21.06 8.11 -30.75
N LYS B 396 21.57 8.57 -29.61
CA LYS B 396 21.82 10.01 -29.47
C LYS B 396 23.04 10.29 -28.59
N CYS B 397 23.63 11.48 -28.79
CA CYS B 397 24.77 11.98 -28.04
C CYS B 397 24.31 12.65 -26.73
N ASP B 398 25.12 12.50 -25.67
CA ASP B 398 24.87 13.09 -24.35
C ASP B 398 26.18 13.16 -23.57
N ASN B 404 30.87 6.26 -18.51
CA ASN B 404 29.83 5.53 -17.79
C ASN B 404 29.84 4.06 -18.28
N TYR B 405 28.95 3.22 -17.72
CA TYR B 405 28.87 1.79 -18.02
C TYR B 405 27.48 1.23 -17.73
N ALA B 406 27.24 0.04 -18.25
CA ALA B 406 26.00 -0.70 -18.00
C ALA B 406 26.33 -2.09 -17.51
N ILE B 407 25.45 -2.69 -16.73
CA ILE B 407 25.73 -4.05 -16.26
C ILE B 407 24.74 -5.08 -16.74
N ILE B 408 25.25 -6.14 -17.34
CA ILE B 408 24.42 -7.24 -17.78
C ILE B 408 24.61 -8.40 -16.84
N LYS B 409 23.54 -8.86 -16.20
CA LYS B 409 23.71 -9.94 -15.26
C LYS B 409 22.57 -10.94 -15.31
N PRO B 410 22.85 -12.24 -15.17
CA PRO B 410 21.90 -13.28 -14.92
C PRO B 410 21.23 -13.03 -13.59
N ILE B 411 19.95 -13.26 -13.54
CA ILE B 411 19.22 -13.05 -12.31
C ILE B 411 19.43 -14.22 -11.39
N GLY B 412 19.88 -13.94 -10.17
CA GLY B 412 20.13 -14.98 -9.18
C GLY B 412 21.57 -15.49 -9.19
N PHE B 413 22.44 -14.88 -9.99
CA PHE B 413 23.85 -15.26 -10.07
C PHE B 413 24.70 -14.18 -9.41
N ASN B 414 25.86 -14.56 -8.83
CA ASN B 414 26.74 -13.60 -8.16
C ASN B 414 27.62 -12.79 -9.14
N GLU B 415 27.94 -13.38 -10.31
CA GLU B 415 28.83 -12.76 -11.31
C GLU B 415 28.06 -11.90 -12.28
N THR B 416 28.66 -10.78 -12.66
CA THR B 416 28.03 -9.89 -13.62
C THR B 416 29.03 -9.49 -14.69
N ALA B 417 28.55 -9.05 -15.84
CA ALA B 417 29.41 -8.54 -16.89
C ALA B 417 29.27 -7.04 -17.02
N LYS B 418 30.35 -6.33 -16.76
CA LYS B 418 30.29 -4.88 -16.85
C LYS B 418 30.78 -4.40 -18.19
N ILE B 419 29.94 -3.63 -18.89
CA ILE B 419 30.32 -3.11 -20.18
C ILE B 419 30.51 -1.59 -20.12
N HIS B 420 31.69 -1.15 -20.54
CA HIS B 420 32.03 0.27 -20.52
C HIS B 420 31.75 0.86 -21.87
N ILE B 421 31.10 2.01 -21.89
CA ILE B 421 30.75 2.58 -23.17
C ILE B 421 31.41 3.91 -23.42
N HIS B 422 32.35 3.92 -24.35
CA HIS B 422 33.07 5.13 -24.71
C HIS B 422 32.38 5.73 -25.92
N ARG B 423 32.31 7.05 -25.97
CA ARG B 423 31.63 7.68 -27.09
C ARG B 423 32.34 8.89 -27.66
N ASN B 424 32.06 9.15 -28.92
CA ASN B 424 32.47 10.39 -29.57
C ASN B 424 31.38 10.76 -30.58
N CYS B 425 31.31 12.06 -30.90
CA CYS B 425 30.28 12.65 -31.77
C CYS B 425 30.89 13.76 -32.62
N GLN C 1 11.56 -34.45 24.00
CA GLN C 1 10.30 -34.81 24.61
C GLN C 1 10.14 -34.12 25.98
N ILE C 2 9.04 -33.36 26.14
CA ILE C 2 8.69 -32.69 27.39
C ILE C 2 8.14 -33.66 28.41
N GLN C 3 8.64 -33.55 29.62
CA GLN C 3 8.19 -34.36 30.73
C GLN C 3 7.89 -33.48 31.92
N LEU C 4 6.93 -33.91 32.72
CA LEU C 4 6.61 -33.23 33.96
C LEU C 4 6.62 -34.23 35.09
N VAL C 5 7.43 -33.97 36.09
CA VAL C 5 7.57 -34.91 37.19
C VAL C 5 7.10 -34.32 38.50
N GLN C 6 6.08 -34.94 39.06
CA GLN C 6 5.51 -34.45 40.30
C GLN C 6 5.99 -35.25 41.49
N SER C 7 5.85 -34.65 42.67
CA SER C 7 6.20 -35.32 43.92
C SER C 7 5.27 -36.50 44.16
N GLY C 8 5.64 -37.34 45.12
CA GLY C 8 4.84 -38.53 45.40
C GLY C 8 3.60 -38.18 46.22
N PRO C 9 2.82 -39.19 46.60
CA PRO C 9 1.57 -39.10 47.32
C PRO C 9 1.74 -38.38 48.65
N GLU C 10 0.73 -37.63 49.03
CA GLU C 10 0.72 -36.91 50.29
C GLU C 10 -0.47 -37.29 51.13
N LEU C 11 -0.27 -37.43 52.43
CA LEU C 11 -1.36 -37.70 53.37
C LEU C 11 -1.39 -36.66 54.46
N LYS C 12 -2.49 -35.95 54.54
CA LYS C 12 -2.61 -34.82 55.46
C LYS C 12 -3.88 -34.90 56.29
N LYS C 13 -3.83 -34.27 57.45
CA LYS C 13 -5.01 -34.16 58.30
C LYS C 13 -5.74 -32.87 57.94
N PRO C 14 -7.00 -32.72 58.28
CA PRO C 14 -7.76 -31.50 58.10
C PRO C 14 -7.05 -30.34 58.76
N GLY C 15 -6.97 -29.23 58.04
CA GLY C 15 -6.35 -28.00 58.54
C GLY C 15 -4.86 -27.87 58.20
N GLU C 16 -4.26 -28.95 57.72
CA GLU C 16 -2.83 -28.95 57.40
C GLU C 16 -2.55 -28.41 56.00
N THR C 17 -1.29 -28.03 55.77
CA THR C 17 -0.90 -27.48 54.47
C THR C 17 0.00 -28.43 53.69
N VAL C 18 -0.29 -28.58 52.41
CA VAL C 18 0.53 -29.41 51.52
C VAL C 18 1.11 -28.62 50.38
N LYS C 19 2.36 -28.89 50.05
CA LYS C 19 3.01 -28.22 48.94
C LYS C 19 3.41 -29.26 47.89
N ILE C 20 2.80 -29.18 46.72
CA ILE C 20 2.99 -30.14 45.65
C ILE C 20 3.86 -29.57 44.53
N SER C 21 4.99 -30.21 44.28
CA SER C 21 5.91 -29.73 43.25
C SER C 21 5.65 -30.38 41.89
N CYS C 22 6.14 -29.70 40.83
CA CYS C 22 6.16 -30.19 39.45
C CYS C 22 7.42 -29.70 38.73
N LYS C 23 8.36 -30.63 38.49
CA LYS C 23 9.65 -30.34 37.84
C LYS C 23 9.54 -30.53 36.33
N ALA C 24 9.98 -29.53 35.60
CA ALA C 24 9.88 -29.56 34.16
C ALA C 24 11.19 -29.90 33.48
N SER C 25 11.11 -30.62 32.36
CA SER C 25 12.26 -30.88 31.52
C SER C 25 11.86 -31.03 30.06
N GLY C 26 12.83 -30.84 29.16
CA GLY C 26 12.61 -31.00 27.72
C GLY C 26 12.33 -29.67 26.99
N TYR C 27 12.15 -28.61 27.77
CA TYR C 27 11.88 -27.29 27.22
C TYR C 27 12.34 -26.26 28.24
N THR C 28 12.41 -25.00 27.83
CA THR C 28 12.77 -23.97 28.79
C THR C 28 11.60 -23.66 29.71
N PHE C 29 11.80 -23.83 31.00
CA PHE C 29 10.74 -23.68 32.00
C PHE C 29 9.96 -22.38 31.86
N THR C 30 10.68 -21.30 31.59
CA THR C 30 10.09 -19.98 31.58
C THR C 30 9.39 -19.68 30.26
N ASP C 31 9.39 -20.65 29.35
CA ASP C 31 8.76 -20.49 28.05
C ASP C 31 7.24 -20.69 28.11
N TYR C 32 6.77 -21.64 28.92
CA TYR C 32 5.33 -21.92 28.98
C TYR C 32 4.78 -21.83 30.39
N SER C 33 3.52 -21.43 30.52
CA SER C 33 2.89 -21.38 31.83
C SER C 33 2.64 -22.78 32.34
N MET C 34 2.49 -22.90 33.64
CA MET C 34 2.20 -24.20 34.22
C MET C 34 0.78 -24.20 34.76
N HIS C 35 -0.02 -25.15 34.31
CA HIS C 35 -1.41 -25.23 34.73
C HIS C 35 -1.58 -26.32 35.75
N TRP C 36 -2.51 -26.11 36.67
CA TRP C 36 -2.87 -27.14 37.63
C TRP C 36 -4.32 -27.53 37.47
N VAL C 37 -4.58 -28.84 37.47
CA VAL C 37 -5.90 -29.42 37.30
C VAL C 37 -6.23 -30.42 38.40
N LYS C 38 -7.40 -30.30 39.00
CA LYS C 38 -7.81 -31.20 40.08
C LYS C 38 -8.79 -32.26 39.62
N GLN C 39 -8.49 -33.51 39.88
CA GLN C 39 -9.40 -34.60 39.53
C GLN C 39 -9.89 -35.33 40.77
N ALA C 40 -11.14 -35.08 41.15
CA ALA C 40 -11.67 -35.73 42.33
C ALA C 40 -11.79 -37.21 42.03
N PRO C 41 -11.74 -38.10 43.01
CA PRO C 41 -11.59 -39.53 42.84
C PRO C 41 -12.89 -40.15 42.35
N GLY C 42 -13.21 -39.93 41.08
CA GLY C 42 -14.46 -40.39 40.49
C GLY C 42 -15.24 -39.29 39.76
N LYS C 43 -14.68 -38.08 39.67
CA LYS C 43 -15.35 -36.99 38.96
C LYS C 43 -14.49 -36.50 37.80
N GLY C 44 -14.98 -35.50 37.08
CA GLY C 44 -14.24 -34.98 35.94
C GLY C 44 -13.15 -34.02 36.38
N LEU C 45 -12.47 -33.43 35.41
CA LEU C 45 -11.36 -32.54 35.66
C LEU C 45 -11.83 -31.12 35.94
N LYS C 46 -11.19 -30.47 36.90
CA LYS C 46 -11.48 -29.07 37.19
C LYS C 46 -10.20 -28.26 37.09
N TRP C 47 -10.21 -27.23 36.27
CA TRP C 47 -9.03 -26.40 36.16
C TRP C 47 -8.90 -25.56 37.42
N VAL C 48 -7.70 -25.48 37.98
CA VAL C 48 -7.51 -24.73 39.21
C VAL C 48 -6.83 -23.40 38.99
N ALA C 49 -5.66 -23.44 38.36
CA ALA C 49 -4.88 -22.22 38.21
C ALA C 49 -3.80 -22.35 37.16
N ARG C 50 -3.32 -21.21 36.70
CA ARG C 50 -2.14 -21.17 35.84
C ARG C 50 -1.17 -20.16 36.37
N ILE C 51 0.11 -20.43 36.22
CA ILE C 51 1.10 -19.44 36.58
C ILE C 51 2.02 -19.16 35.42
N ASN C 52 2.25 -17.89 35.15
CA ASN C 52 3.14 -17.53 34.08
C ASN C 52 4.55 -17.69 34.61
N THR C 53 5.30 -18.63 34.05
CA THR C 53 6.60 -18.99 34.58
C THR C 53 7.64 -17.91 34.33
N GLU C 54 7.30 -16.95 33.48
CA GLU C 54 8.19 -15.83 33.20
C GLU C 54 8.09 -14.73 34.25
N THR C 55 6.89 -14.47 34.74
CA THR C 55 6.67 -13.33 35.63
C THR C 55 6.31 -13.73 37.06
N GLY C 56 5.81 -14.94 37.25
CA GLY C 56 5.39 -15.40 38.56
C GLY C 56 3.96 -15.01 38.91
N GLU C 57 3.24 -14.39 37.98
CA GLU C 57 1.88 -13.97 38.24
C GLU C 57 0.86 -15.09 37.99
N PRO C 58 0.13 -15.54 39.02
CA PRO C 58 -0.89 -16.57 38.96
C PRO C 58 -2.25 -16.04 38.51
N THR C 59 -3.04 -16.92 37.92
CA THR C 59 -4.46 -16.69 37.69
C THR C 59 -5.25 -17.87 38.22
N PHE C 60 -6.28 -17.59 39.00
CA PHE C 60 -7.08 -18.64 39.62
C PHE C 60 -8.49 -18.72 39.10
N ALA C 61 -9.05 -19.93 39.15
CA ALA C 61 -10.46 -20.14 38.87
C ALA C 61 -11.29 -19.61 40.02
N ASP C 62 -12.53 -19.30 39.76
CA ASP C 62 -13.40 -18.74 40.78
C ASP C 62 -13.54 -19.59 42.03
N ASP C 63 -13.53 -20.90 41.88
CA ASP C 63 -13.79 -21.78 43.01
C ASP C 63 -12.56 -22.13 43.84
N PHE C 64 -11.39 -21.65 43.44
CA PHE C 64 -10.19 -22.04 44.14
C PHE C 64 -9.34 -20.88 44.65
N ARG C 65 -9.98 -19.88 45.24
CA ARG C 65 -9.20 -18.76 45.76
C ARG C 65 -9.02 -18.86 47.26
N GLY C 66 -8.03 -18.15 47.79
CA GLY C 66 -7.81 -18.07 49.23
C GLY C 66 -7.00 -19.24 49.77
N ARG C 67 -7.53 -20.45 49.59
CA ARG C 67 -6.88 -21.65 50.08
C ARG C 67 -5.77 -22.13 49.13
N PHE C 68 -5.73 -21.59 47.93
CA PHE C 68 -4.74 -22.05 46.97
C PHE C 68 -3.73 -20.97 46.64
N ALA C 69 -2.48 -21.38 46.50
CA ALA C 69 -1.40 -20.48 46.11
C ALA C 69 -0.49 -21.17 45.12
N VAL C 70 0.08 -20.42 44.18
CA VAL C 70 0.99 -21.00 43.22
C VAL C 70 2.28 -20.20 43.17
N SER C 71 3.42 -20.89 43.13
CA SER C 71 4.71 -20.20 43.12
C SER C 71 5.75 -20.87 42.24
N LEU C 72 6.85 -20.16 41.98
CA LEU C 72 7.91 -20.67 41.11
C LEU C 72 9.28 -20.70 41.76
N GLU C 73 10.07 -21.69 41.34
CA GLU C 73 11.51 -21.72 41.59
C GLU C 73 12.17 -21.94 40.24
N THR C 74 12.41 -20.85 39.53
CA THR C 74 12.82 -20.94 38.13
C THR C 74 14.21 -21.54 37.98
N SER C 75 15.03 -21.38 39.00
CA SER C 75 16.40 -21.89 38.99
C SER C 75 16.44 -23.41 38.97
N ALA C 76 15.33 -24.05 39.32
CA ALA C 76 15.26 -25.49 39.34
C ALA C 76 14.13 -25.98 38.45
N SER C 77 13.67 -25.13 37.55
CA SER C 77 12.59 -25.46 36.63
C SER C 77 11.41 -26.10 37.34
N THR C 78 11.03 -25.58 38.51
CA THR C 78 9.96 -26.21 39.26
C THR C 78 8.83 -25.26 39.65
N ALA C 79 7.61 -25.72 39.43
CA ALA C 79 6.41 -24.99 39.84
C ALA C 79 5.80 -25.67 41.06
N TYR C 80 5.18 -24.89 41.92
CA TYR C 80 4.54 -25.45 43.10
C TYR C 80 3.10 -25.02 43.27
N LEU C 81 2.29 -25.94 43.76
CA LEU C 81 0.93 -25.66 44.19
C LEU C 81 0.80 -25.88 45.68
N GLN C 82 0.40 -24.86 46.40
CA GLN C 82 0.24 -24.99 47.84
C GLN C 82 -1.21 -24.89 48.23
N ILE C 83 -1.66 -25.88 49.00
CA ILE C 83 -3.04 -25.89 49.43
C ILE C 83 -3.13 -25.77 50.94
N ASN C 84 -3.70 -24.68 51.41
CA ASN C 84 -3.80 -24.39 52.83
C ASN C 84 -5.14 -24.83 53.39
N ASN C 85 -5.17 -25.09 54.70
CA ASN C 85 -6.40 -25.43 55.39
C ASN C 85 -7.13 -26.58 54.72
N LEU C 86 -6.42 -27.66 54.45
CA LEU C 86 -7.02 -28.79 53.73
C LEU C 86 -8.28 -29.31 54.37
N LYS C 87 -9.27 -29.54 53.51
CA LYS C 87 -10.55 -30.11 53.91
C LYS C 87 -10.73 -31.46 53.25
N ASN C 88 -11.69 -32.24 53.70
CA ASN C 88 -11.88 -33.56 53.11
C ASN C 88 -12.24 -33.47 51.62
N GLU C 89 -12.86 -32.35 51.25
CA GLU C 89 -13.26 -32.08 49.88
C GLU C 89 -12.08 -31.87 48.93
N ASP C 90 -10.88 -31.69 49.47
CA ASP C 90 -9.69 -31.45 48.66
C ASP C 90 -9.01 -32.74 48.27
N THR C 91 -9.56 -33.88 48.69
CA THR C 91 -8.95 -35.13 48.25
C THR C 91 -9.12 -35.22 46.76
N ALA C 92 -8.02 -35.47 46.06
CA ALA C 92 -8.04 -35.51 44.60
C ALA C 92 -6.67 -35.85 44.05
N THR C 93 -6.61 -36.14 42.76
CA THR C 93 -5.33 -36.23 42.09
C THR C 93 -5.05 -34.88 41.46
N TYR C 94 -3.91 -34.30 41.76
CA TYR C 94 -3.57 -32.99 41.23
C TYR C 94 -2.54 -33.10 40.13
N PHE C 95 -2.91 -32.65 38.95
CA PHE C 95 -2.03 -32.73 37.81
C PHE C 95 -1.45 -31.37 37.50
N CYS C 96 -0.20 -31.35 37.01
CA CYS C 96 0.41 -30.16 36.43
C CYS C 96 0.43 -30.42 34.93
N ALA C 97 0.25 -29.36 34.11
CA ALA C 97 0.11 -29.53 32.66
C ALA C 97 0.54 -28.32 31.87
N ILE C 98 0.91 -28.59 30.63
CA ILE C 98 1.21 -27.58 29.62
C ILE C 98 0.22 -27.78 28.50
N PHE C 99 -0.49 -26.73 28.11
CA PHE C 99 -1.50 -26.91 27.09
C PHE C 99 -1.13 -26.34 25.74
N TYR C 100 0.10 -25.91 25.59
CA TYR C 100 0.50 -25.34 24.32
C TYR C 100 0.28 -26.42 23.27
N TYR C 101 -0.49 -26.09 22.23
CA TYR C 101 -0.91 -27.09 21.26
C TYR C 101 0.23 -27.81 20.58
N GLY C 102 1.28 -27.10 20.27
CA GLY C 102 2.38 -27.74 19.56
C GLY C 102 2.97 -28.90 20.38
N ARG C 103 3.02 -28.75 21.70
CA ARG C 103 3.65 -29.74 22.55
C ARG C 103 3.03 -29.80 23.93
N ASP C 104 1.85 -30.38 24.05
CA ASP C 104 1.19 -30.42 25.35
C ASP C 104 1.80 -31.52 26.20
N SER C 105 1.64 -31.42 27.51
CA SER C 105 2.14 -32.47 28.39
C SER C 105 1.41 -32.47 29.72
N TRP C 106 1.41 -33.62 30.38
CA TRP C 106 0.83 -33.77 31.70
C TRP C 106 1.77 -34.50 32.64
N GLY C 107 1.73 -34.15 33.92
CA GLY C 107 2.49 -34.88 34.91
C GLY C 107 1.77 -36.19 35.20
N GLN C 108 2.32 -37.00 36.10
CA GLN C 108 1.71 -38.29 36.38
C GLN C 108 0.49 -38.17 37.30
N GLY C 109 0.38 -37.06 38.01
CA GLY C 109 -0.72 -36.83 38.93
C GLY C 109 -0.32 -37.13 40.36
N THR C 110 -0.44 -36.13 41.23
CA THR C 110 -0.07 -36.30 42.63
C THR C 110 -1.30 -36.64 43.43
N THR C 111 -1.25 -37.74 44.14
CA THR C 111 -2.43 -38.13 44.90
C THR C 111 -2.40 -37.51 46.28
N LEU C 112 -3.42 -36.71 46.58
CA LEU C 112 -3.53 -36.07 47.88
C LEU C 112 -4.73 -36.57 48.64
N THR C 113 -4.48 -37.16 49.79
CA THR C 113 -5.57 -37.65 50.64
C THR C 113 -5.67 -36.85 51.92
N VAL C 114 -6.88 -36.41 52.25
CA VAL C 114 -7.11 -35.69 53.49
C VAL C 114 -7.97 -36.55 54.42
N SER C 115 -7.44 -36.83 55.62
CA SER C 115 -8.09 -37.70 56.61
C SER C 115 -9.29 -36.99 57.26
N ASP D 1 -17.48 -18.87 35.53
CA ASP D 1 -17.15 -18.34 34.21
C ASP D 1 -18.04 -19.04 33.13
N ILE D 2 -17.44 -19.82 32.21
CA ILE D 2 -18.19 -20.53 31.16
C ILE D 2 -18.39 -21.98 31.56
N VAL D 3 -19.65 -22.39 31.68
CA VAL D 3 -19.96 -23.75 32.04
C VAL D 3 -20.14 -24.61 30.81
N MET D 4 -19.41 -25.71 30.76
CA MET D 4 -19.50 -26.63 29.64
C MET D 4 -20.37 -27.81 30.00
N THR D 5 -21.44 -28.02 29.24
CA THR D 5 -22.34 -29.13 29.51
C THR D 5 -22.11 -30.24 28.51
N GLN D 6 -21.73 -31.40 29.01
CA GLN D 6 -21.40 -32.49 28.12
C GLN D 6 -22.42 -33.61 28.26
N SER D 7 -22.79 -34.22 27.14
CA SER D 7 -23.82 -35.24 27.14
C SER D 7 -23.63 -36.28 26.04
N PRO D 8 -23.93 -37.54 26.34
CA PRO D 8 -24.41 -38.13 27.58
C PRO D 8 -23.28 -38.31 28.57
N SER D 9 -23.61 -38.64 29.82
CA SER D 9 -22.57 -38.96 30.79
C SER D 9 -21.94 -40.32 30.52
N SER D 10 -22.69 -41.19 29.85
CA SER D 10 -22.23 -42.52 29.49
C SER D 10 -22.89 -42.99 28.21
N LEU D 11 -22.11 -43.62 27.35
CA LEU D 11 -22.62 -44.10 26.07
C LEU D 11 -22.03 -45.47 25.78
N ALA D 12 -22.88 -46.49 25.63
CA ALA D 12 -22.37 -47.82 25.31
C ALA D 12 -22.24 -47.99 23.80
N VAL D 13 -21.14 -48.60 23.37
CA VAL D 13 -20.88 -48.82 21.95
C VAL D 13 -20.49 -50.26 21.68
N SER D 14 -20.57 -50.65 20.42
CA SER D 14 -20.02 -51.93 20.00
C SER D 14 -18.87 -51.63 19.05
N ALA D 15 -17.84 -52.48 19.06
CA ALA D 15 -16.72 -52.18 18.20
C ALA D 15 -17.19 -52.12 16.75
N GLY D 16 -16.73 -51.11 16.03
CA GLY D 16 -17.06 -50.93 14.63
C GLY D 16 -18.19 -49.93 14.41
N GLU D 17 -18.92 -49.59 15.47
CA GLU D 17 -20.01 -48.62 15.37
C GLU D 17 -19.49 -47.19 15.30
N LYS D 18 -20.31 -46.31 14.73
CA LYS D 18 -20.01 -44.90 14.75
C LYS D 18 -20.62 -44.29 15.99
N VAL D 19 -19.79 -43.65 16.80
CA VAL D 19 -20.28 -43.06 18.04
C VAL D 19 -20.09 -41.57 18.09
N THR D 20 -21.13 -40.87 18.54
CA THR D 20 -21.04 -39.44 18.68
C THR D 20 -21.36 -39.02 20.10
N MET D 21 -20.71 -37.96 20.54
CA MET D 21 -20.94 -37.35 21.83
C MET D 21 -20.83 -35.86 21.65
N SER D 22 -21.55 -35.07 22.44
CA SER D 22 -21.52 -33.64 22.20
C SER D 22 -21.36 -32.83 23.47
N CYS D 23 -21.02 -31.54 23.29
CA CYS D 23 -20.79 -30.58 24.37
C CYS D 23 -21.33 -29.21 23.98
N LYS D 24 -22.11 -28.60 24.89
CA LYS D 24 -22.73 -27.29 24.70
C LYS D 24 -22.20 -26.28 25.69
N SER D 25 -21.68 -25.19 25.15
CA SER D 25 -21.12 -24.13 25.96
C SER D 25 -22.21 -23.22 26.49
N SER D 26 -21.86 -22.37 27.45
CA SER D 26 -22.80 -21.38 27.96
C SER D 26 -22.83 -20.13 27.09
N GLN D 27 -21.71 -19.82 26.44
CA GLN D 27 -21.63 -18.66 25.56
C GLN D 27 -20.86 -19.04 24.30
N SER D 28 -20.76 -18.13 23.36
CA SER D 28 -20.01 -18.45 22.16
C SER D 28 -18.55 -18.63 22.48
N LEU D 29 -17.93 -19.63 21.89
CA LEU D 29 -16.50 -19.83 22.07
C LEU D 29 -15.75 -19.35 20.85
N LEU D 30 -16.46 -18.64 19.98
CA LEU D 30 -15.88 -18.17 18.73
C LEU D 30 -15.24 -16.80 18.89
N ASN D 31 -13.96 -16.75 18.59
CA ASN D 31 -13.22 -15.51 18.64
C ASN D 31 -13.33 -14.79 17.31
N SER D 32 -14.06 -13.68 17.30
CA SER D 32 -14.32 -12.97 16.06
C SER D 32 -13.06 -12.49 15.37
N ARG D 33 -11.98 -12.33 16.12
CA ARG D 33 -10.75 -11.82 15.54
C ARG D 33 -9.88 -12.91 14.91
N THR D 34 -10.22 -14.18 15.13
CA THR D 34 -9.44 -15.27 14.55
C THR D 34 -10.29 -16.20 13.72
N ARG D 35 -11.60 -16.13 13.92
CA ARG D 35 -12.58 -17.03 13.31
C ARG D 35 -12.43 -18.46 13.79
N LYS D 36 -11.80 -18.65 14.95
CA LYS D 36 -11.65 -19.98 15.49
C LYS D 36 -12.49 -20.20 16.73
N ASN D 37 -12.93 -21.44 16.89
CA ASN D 37 -13.68 -21.87 18.06
C ASN D 37 -12.76 -22.50 19.08
N TYR D 38 -12.61 -21.85 20.23
CA TYR D 38 -11.64 -22.30 21.21
C TYR D 38 -12.16 -23.43 22.09
N LEU D 39 -12.32 -24.60 21.48
CA LEU D 39 -12.74 -25.80 22.18
C LEU D 39 -11.84 -26.98 21.83
N ALA D 40 -11.53 -27.81 22.82
CA ALA D 40 -10.67 -28.95 22.63
C ALA D 40 -11.27 -30.21 23.24
N TRP D 41 -10.90 -31.37 22.71
CA TRP D 41 -11.33 -32.64 23.26
C TRP D 41 -10.16 -33.44 23.79
N TYR D 42 -10.36 -34.07 24.94
CA TYR D 42 -9.36 -34.92 25.59
C TYR D 42 -9.85 -36.33 25.81
N GLN D 43 -8.92 -37.28 25.77
CA GLN D 43 -9.20 -38.67 26.06
C GLN D 43 -8.50 -39.10 27.33
N GLN D 44 -9.23 -39.64 28.29
CA GLN D 44 -8.58 -40.13 29.49
C GLN D 44 -8.85 -41.59 29.77
N LYS D 45 -7.84 -42.42 29.61
CA LYS D 45 -8.00 -43.81 29.92
C LYS D 45 -7.82 -43.95 31.41
N PRO D 46 -8.51 -44.88 32.07
CA PRO D 46 -8.47 -45.04 33.50
C PRO D 46 -7.05 -45.36 33.92
N GLY D 47 -6.61 -44.71 34.99
CA GLY D 47 -5.27 -44.92 35.52
C GLY D 47 -4.21 -44.08 34.81
N GLN D 48 -4.61 -43.29 33.83
CA GLN D 48 -3.65 -42.51 33.07
C GLN D 48 -4.00 -41.03 33.01
N SER D 49 -2.97 -40.20 32.83
CA SER D 49 -3.15 -38.79 32.60
C SER D 49 -3.82 -38.62 31.24
N PRO D 50 -4.66 -37.60 31.06
CA PRO D 50 -5.44 -37.33 29.86
C PRO D 50 -4.55 -36.90 28.70
N ARG D 51 -5.05 -37.05 27.48
CA ARG D 51 -4.32 -36.68 26.28
C ARG D 51 -5.19 -35.88 25.32
N LEU D 52 -4.62 -34.83 24.75
CA LEU D 52 -5.33 -33.99 23.79
C LEU D 52 -5.55 -34.68 22.47
N LEU D 53 -6.78 -34.67 22.00
CA LEU D 53 -7.12 -35.26 20.70
C LEU D 53 -7.28 -34.20 19.64
N ILE D 54 -8.13 -33.22 19.95
CA ILE D 54 -8.53 -32.20 18.99
C ILE D 54 -8.52 -30.81 19.62
N TYR D 55 -8.02 -29.84 18.90
CA TYR D 55 -8.04 -28.45 19.36
C TYR D 55 -8.64 -27.54 18.33
N TRP D 56 -9.13 -26.38 18.77
CA TRP D 56 -9.80 -25.47 17.88
C TRP D 56 -10.94 -26.12 17.13
N ALA D 57 -11.74 -26.88 17.87
CA ALA D 57 -12.95 -27.57 17.40
C ALA D 57 -12.66 -28.76 16.49
N SER D 58 -11.91 -28.54 15.42
CA SER D 58 -11.69 -29.60 14.44
C SER D 58 -10.24 -29.87 14.04
N THR D 59 -9.26 -29.23 14.67
CA THR D 59 -7.88 -29.48 14.27
C THR D 59 -7.35 -30.68 15.02
N ARG D 60 -6.90 -31.68 14.28
CA ARG D 60 -6.45 -32.91 14.91
C ARG D 60 -5.01 -32.80 15.37
N GLU D 61 -4.75 -33.34 16.55
CA GLU D 61 -3.42 -33.34 17.13
C GLU D 61 -2.54 -34.42 16.52
N SER D 62 -1.23 -34.19 16.54
CA SER D 62 -0.29 -35.16 16.02
C SER D 62 -0.32 -36.44 16.83
N GLY D 63 -0.28 -37.58 16.15
CA GLY D 63 -0.28 -38.87 16.83
C GLY D 63 -1.69 -39.42 17.02
N VAL D 64 -2.68 -38.60 16.70
CA VAL D 64 -4.06 -39.00 16.84
C VAL D 64 -4.58 -39.50 15.49
N PRO D 65 -5.16 -40.70 15.42
CA PRO D 65 -5.66 -41.33 14.22
C PRO D 65 -6.88 -40.57 13.71
N ASP D 66 -7.12 -40.67 12.41
CA ASP D 66 -8.17 -39.91 11.76
C ASP D 66 -9.57 -40.44 11.97
N ARG D 67 -9.70 -41.48 12.78
CA ARG D 67 -11.03 -41.94 13.14
C ARG D 67 -11.67 -40.95 14.11
N PHE D 68 -10.84 -40.08 14.71
CA PHE D 68 -11.35 -39.06 15.62
C PHE D 68 -11.57 -37.75 14.89
N THR D 69 -12.83 -37.40 14.66
CA THR D 69 -13.13 -36.17 13.95
C THR D 69 -13.95 -35.21 14.80
N GLY D 70 -13.50 -33.98 14.87
CA GLY D 70 -14.22 -32.96 15.62
C GLY D 70 -14.94 -32.01 14.68
N SER D 71 -16.04 -31.46 15.14
CA SER D 71 -16.79 -30.49 14.37
C SER D 71 -17.62 -29.60 15.27
N GLY D 72 -18.15 -28.53 14.71
CA GLY D 72 -19.02 -27.66 15.49
C GLY D 72 -18.59 -26.22 15.45
N SER D 73 -19.46 -25.36 15.94
CA SER D 73 -19.19 -23.92 15.93
C SER D 73 -20.10 -23.16 16.89
N GLY D 74 -19.60 -22.06 17.42
CA GLY D 74 -20.40 -21.21 18.28
C GLY D 74 -20.50 -21.82 19.65
N THR D 75 -21.63 -22.45 19.93
CA THR D 75 -21.82 -23.09 21.22
C THR D 75 -21.94 -24.60 21.14
N ASP D 76 -22.20 -25.14 19.94
CA ASP D 76 -22.51 -26.55 19.83
C ASP D 76 -21.40 -27.34 19.15
N PHE D 77 -20.76 -28.22 19.91
CA PHE D 77 -19.64 -28.98 19.40
C PHE D 77 -19.84 -30.49 19.53
N THR D 78 -19.30 -31.24 18.56
CA THR D 78 -19.43 -32.69 18.54
C THR D 78 -18.11 -33.41 18.30
N LEU D 79 -17.94 -34.54 18.97
CA LEU D 79 -16.82 -35.45 18.72
C LEU D 79 -17.37 -36.75 18.20
N THR D 80 -16.89 -37.17 17.04
CA THR D 80 -17.36 -38.41 16.45
C THR D 80 -16.22 -39.38 16.18
N ILE D 81 -16.42 -40.64 16.56
CA ILE D 81 -15.42 -41.65 16.31
C ILE D 81 -15.95 -42.65 15.29
N SER D 82 -15.31 -42.70 14.13
CA SER D 82 -15.74 -43.59 13.07
C SER D 82 -15.10 -44.95 13.24
N SER D 83 -15.92 -45.99 13.35
CA SER D 83 -15.45 -47.34 13.59
C SER D 83 -14.69 -47.41 14.91
N VAL D 84 -15.40 -47.20 16.02
CA VAL D 84 -14.79 -47.17 17.34
C VAL D 84 -14.11 -48.48 17.65
N GLN D 85 -12.92 -48.37 18.21
CA GLN D 85 -12.11 -49.54 18.55
C GLN D 85 -12.25 -49.90 20.01
N ALA D 86 -11.88 -51.12 20.36
CA ALA D 86 -11.92 -51.57 21.76
C ALA D 86 -10.95 -50.77 22.61
N GLU D 87 -9.97 -50.15 21.95
CA GLU D 87 -8.94 -49.36 22.61
C GLU D 87 -9.40 -47.94 22.89
N ASP D 88 -10.59 -47.59 22.42
CA ASP D 88 -11.11 -46.24 22.58
C ASP D 88 -12.03 -46.11 23.77
N LEU D 89 -12.09 -47.14 24.60
CA LEU D 89 -12.95 -47.08 25.77
C LEU D 89 -12.24 -46.26 26.84
N ALA D 90 -12.68 -45.02 26.96
CA ALA D 90 -12.06 -43.99 27.75
C ALA D 90 -13.09 -42.93 28.08
N VAL D 91 -12.76 -42.03 29.00
CA VAL D 91 -13.64 -40.91 29.27
C VAL D 91 -13.20 -39.73 28.44
N TYR D 92 -14.12 -39.17 27.68
CA TYR D 92 -13.78 -38.04 26.84
C TYR D 92 -14.27 -36.76 27.46
N TYR D 93 -13.47 -35.72 27.37
CA TYR D 93 -13.87 -34.44 27.94
C TYR D 93 -13.82 -33.34 26.90
N CYS D 94 -14.74 -32.38 27.00
CA CYS D 94 -14.68 -31.14 26.23
C CYS D 94 -14.07 -30.07 27.14
N LYS D 95 -13.26 -29.19 26.55
CA LYS D 95 -12.59 -28.10 27.24
C LYS D 95 -12.73 -26.80 26.47
N GLN D 96 -12.95 -25.69 27.15
CA GLN D 96 -12.95 -24.41 26.47
C GLN D 96 -11.83 -23.54 26.97
N SER D 97 -11.30 -22.71 26.07
CA SER D 97 -10.26 -21.75 26.42
C SER D 97 -10.59 -20.36 25.94
N TYR D 98 -11.88 -20.08 25.83
CA TYR D 98 -12.34 -18.76 25.41
C TYR D 98 -12.06 -17.77 26.53
N ASN D 99 -12.36 -18.18 27.75
CA ASN D 99 -12.05 -17.38 28.92
C ASN D 99 -11.14 -18.19 29.81
N LEU D 100 -11.42 -18.30 31.09
CA LEU D 100 -10.57 -19.14 31.90
C LEU D 100 -10.86 -20.55 31.51
N LEU D 101 -9.86 -21.40 31.58
CA LEU D 101 -10.02 -22.76 31.12
C LEU D 101 -11.04 -23.50 31.96
N SER D 102 -11.86 -24.30 31.29
CA SER D 102 -12.88 -25.09 31.99
C SER D 102 -13.21 -26.37 31.25
N PHE D 103 -13.51 -27.42 32.01
CA PHE D 103 -13.84 -28.73 31.45
C PHE D 103 -15.29 -29.10 31.70
N GLY D 104 -15.85 -29.91 30.82
CA GLY D 104 -17.19 -30.46 31.03
C GLY D 104 -17.11 -31.69 31.93
N ALA D 105 -18.26 -32.28 32.24
CA ALA D 105 -18.31 -33.44 33.13
C ALA D 105 -17.60 -34.65 32.58
N GLY D 106 -17.67 -34.84 31.26
CA GLY D 106 -17.05 -35.97 30.59
C GLY D 106 -18.04 -37.07 30.21
N THR D 107 -17.73 -37.79 29.14
CA THR D 107 -18.54 -38.89 28.62
C THR D 107 -17.77 -40.19 28.68
N LYS D 108 -18.30 -41.17 29.39
CA LYS D 108 -17.59 -42.43 29.48
C LYS D 108 -18.10 -43.42 28.44
N LEU D 109 -17.20 -43.96 27.63
CA LEU D 109 -17.66 -44.98 26.69
C LEU D 109 -17.60 -46.35 27.34
N GLU D 110 -18.68 -47.08 27.17
CA GLU D 110 -18.83 -48.42 27.71
C GLU D 110 -18.98 -49.39 26.57
N LEU D 111 -18.75 -50.66 26.81
CA LEU D 111 -18.90 -51.64 25.75
C LEU D 111 -20.22 -52.38 25.88
N LYS D 112 -20.93 -52.55 24.77
CA LYS D 112 -22.17 -53.31 24.75
C LYS D 112 -21.92 -54.81 24.94
N ALA D 113 -22.80 -55.48 25.70
CA ALA D 113 -22.77 -56.94 25.91
C ALA D 113 -24.17 -57.51 25.69
#